data_1GWI
#
_entry.id   1GWI
#
_cell.length_a   62.728
_cell.length_b   131.973
_cell.length_c   134.886
_cell.angle_alpha   90.00
_cell.angle_beta   90.00
_cell.angle_gamma   90.00
#
_symmetry.space_group_name_H-M   'P 21 21 21'
#
loop_
_entity.id
_entity.type
_entity.pdbx_description
1 polymer 'CYTOCHROME P450 154C1'
2 non-polymer 'SULFATE ION'
3 non-polymer 'PROTOPORPHYRIN IX CONTAINING FE'
4 water water
#
_entity_poly.entity_id   1
_entity_poly.type   'polypeptide(L)'
_entity_poly.pdbx_seq_one_letter_code
;MTTGTEEARIPLDPFVTDLDGESARLRAAGPLAAVELPGGVPVWAVTHHAEAKALLTDPRLVKDINVWGAWRRGEIPADW
PLIGLANPGRSMLTVDGAEHRRLRTLVAQALTVRRVEHMRGRITELTDRLLDELPADGGVVDLKAAFAYPLPMYVVADLM
GIEEARLPRLKVLFEKFFSTQTPPEEVVATLTELASIMTDTVAAKRAAPGDDLTSALIQASENGDHLTDAEIVSTLQLMV
AAGHETTISLIVNAVVNLSTHPEQRALVLSGEAEWSAVVEETLRFSTPTSHVLIRFAAEDVPVGDRVIPAGDALIVSYGA
LGRDERAHGPTADRFDLTRTSGNRHISFGHGPHVCPGAALSRMEAGVALPALYARFPHLDLAVPAAELRNKPVVTQNDLF
ELPVRLAHHHH
;
_entity_poly.pdbx_strand_id   A,B
#
loop_
_chem_comp.id
_chem_comp.type
_chem_comp.name
_chem_comp.formula
HEM non-polymer 'PROTOPORPHYRIN IX CONTAINING FE' 'C34 H32 Fe N4 O4'
SO4 non-polymer 'SULFATE ION' 'O4 S -2'
#
# COMPACT_ATOMS: atom_id res chain seq x y z
N ALA A 8 22.38 -28.97 -22.67
CA ALA A 8 23.45 -28.40 -21.79
C ALA A 8 22.83 -27.53 -20.71
N ARG A 9 21.57 -27.17 -20.89
CA ARG A 9 20.86 -26.34 -19.93
C ARG A 9 20.68 -27.10 -18.61
N ILE A 10 20.73 -26.36 -17.50
CA ILE A 10 20.58 -26.98 -16.19
C ILE A 10 19.22 -26.73 -15.55
N PRO A 11 18.40 -27.78 -15.42
CA PRO A 11 17.07 -27.66 -14.81
C PRO A 11 17.25 -27.56 -13.30
N LEU A 12 16.67 -26.54 -12.69
CA LEU A 12 16.80 -26.39 -11.24
C LEU A 12 15.68 -27.16 -10.56
N ASP A 13 16.04 -28.23 -9.86
CA ASP A 13 15.08 -29.07 -9.17
C ASP A 13 14.35 -28.34 -8.05
N PRO A 14 13.03 -28.15 -8.21
CA PRO A 14 12.14 -27.47 -7.26
C PRO A 14 12.06 -28.23 -5.94
N PHE A 15 12.37 -29.52 -5.96
CA PHE A 15 12.33 -30.32 -4.75
C PHE A 15 13.68 -30.33 -4.07
N VAL A 16 14.63 -29.58 -4.65
CA VAL A 16 15.98 -29.48 -4.11
C VAL A 16 16.46 -30.83 -3.56
N THR A 17 16.45 -31.84 -4.42
CA THR A 17 16.88 -33.18 -4.02
C THR A 17 18.40 -33.35 -4.07
N ASP A 18 19.09 -32.38 -4.67
CA ASP A 18 20.55 -32.45 -4.76
C ASP A 18 21.18 -31.08 -4.97
N LEU A 19 21.09 -30.24 -3.95
CA LEU A 19 21.65 -28.89 -4.02
C LEU A 19 23.13 -28.80 -4.37
N ASP A 20 23.99 -29.54 -3.64
CA ASP A 20 25.42 -29.49 -3.94
C ASP A 20 25.78 -29.97 -5.34
N GLY A 21 25.05 -30.96 -5.84
CA GLY A 21 25.34 -31.46 -7.17
C GLY A 21 24.96 -30.40 -8.20
N GLU A 22 23.82 -29.76 -7.97
CA GLU A 22 23.33 -28.72 -8.86
C GLU A 22 24.30 -27.53 -8.85
N SER A 23 24.72 -27.13 -7.65
CA SER A 23 25.65 -26.01 -7.52
C SER A 23 26.91 -26.28 -8.31
N ALA A 24 27.43 -27.51 -8.21
CA ALA A 24 28.65 -27.88 -8.92
C ALA A 24 28.45 -27.72 -10.43
N ARG A 25 27.34 -28.22 -10.94
CA ARG A 25 27.06 -28.11 -12.37
C ARG A 25 26.95 -26.65 -12.77
N LEU A 26 26.34 -25.83 -11.91
CA LEU A 26 26.19 -24.41 -12.19
C LEU A 26 27.55 -23.71 -12.29
N ARG A 27 28.46 -24.02 -11.38
CA ARG A 27 29.79 -23.40 -11.42
C ARG A 27 30.50 -23.85 -12.70
N ALA A 28 30.38 -25.15 -13.01
CA ALA A 28 31.00 -25.71 -14.20
C ALA A 28 30.54 -25.00 -15.47
N ALA A 29 29.25 -24.65 -15.50
CA ALA A 29 28.67 -23.96 -16.66
C ALA A 29 28.80 -22.44 -16.55
N GLY A 30 29.47 -21.97 -15.51
CA GLY A 30 29.63 -20.53 -15.33
C GLY A 30 30.61 -19.90 -16.30
N PRO A 31 30.78 -18.57 -16.28
CA PRO A 31 30.17 -17.56 -15.42
C PRO A 31 28.65 -17.38 -15.61
N LEU A 32 28.22 -17.45 -16.87
CA LEU A 32 26.82 -17.30 -17.20
C LEU A 32 26.29 -18.64 -17.67
N ALA A 33 25.42 -19.24 -16.87
CA ALA A 33 24.85 -20.54 -17.21
C ALA A 33 23.40 -20.51 -17.63
N ALA A 34 23.09 -21.23 -18.70
CA ALA A 34 21.73 -21.29 -19.20
C ALA A 34 21.05 -22.29 -18.28
N VAL A 35 19.97 -21.88 -17.63
CA VAL A 35 19.26 -22.76 -16.72
C VAL A 35 17.76 -22.70 -16.94
N GLU A 36 17.05 -23.69 -16.41
CA GLU A 36 15.61 -23.73 -16.55
C GLU A 36 14.97 -23.75 -15.17
N LEU A 37 14.09 -22.80 -14.92
CA LEU A 37 13.40 -22.70 -13.64
C LEU A 37 12.22 -23.65 -13.61
N PRO A 38 11.80 -24.08 -12.42
CA PRO A 38 10.67 -25.00 -12.26
C PRO A 38 9.53 -24.63 -13.21
N GLY A 39 9.04 -25.62 -13.95
CA GLY A 39 7.97 -25.38 -14.89
C GLY A 39 8.45 -25.17 -16.31
N GLY A 40 9.76 -25.25 -16.51
CA GLY A 40 10.32 -25.07 -17.84
C GLY A 40 10.54 -23.65 -18.33
N VAL A 41 10.79 -22.71 -17.41
CA VAL A 41 11.01 -21.32 -17.79
C VAL A 41 12.52 -21.05 -17.84
N PRO A 42 13.07 -20.85 -19.05
CA PRO A 42 14.49 -20.59 -19.25
C PRO A 42 14.94 -19.17 -18.85
N VAL A 43 16.10 -19.09 -18.22
CA VAL A 43 16.69 -17.83 -17.78
C VAL A 43 18.18 -18.02 -17.65
N TRP A 44 18.91 -16.93 -17.47
CA TRP A 44 20.35 -16.99 -17.32
C TRP A 44 20.66 -16.92 -15.82
N ALA A 45 21.78 -17.49 -15.43
CA ALA A 45 22.18 -17.47 -14.03
C ALA A 45 23.68 -17.20 -13.95
N VAL A 46 24.07 -16.21 -13.15
CA VAL A 46 25.49 -15.90 -13.01
C VAL A 46 25.92 -16.80 -11.85
N THR A 47 26.91 -17.65 -12.10
CA THR A 47 27.40 -18.58 -11.11
C THR A 47 28.83 -18.46 -10.59
N HIS A 48 29.52 -17.38 -10.94
CA HIS A 48 30.88 -17.16 -10.50
C HIS A 48 30.91 -15.85 -9.71
N HIS A 49 31.73 -15.81 -8.66
CA HIS A 49 31.88 -14.64 -7.78
C HIS A 49 32.09 -13.30 -8.49
N ALA A 50 33.22 -13.18 -9.18
CA ALA A 50 33.57 -11.97 -9.90
C ALA A 50 32.46 -11.44 -10.80
N GLU A 51 31.95 -12.29 -11.69
CA GLU A 51 30.89 -11.89 -12.61
C GLU A 51 29.61 -11.46 -11.90
N ALA A 52 29.30 -12.12 -10.79
CA ALA A 52 28.10 -11.77 -10.05
C ALA A 52 28.17 -10.33 -9.53
N LYS A 53 29.29 -9.97 -8.92
CA LYS A 53 29.47 -8.62 -8.39
C LYS A 53 29.37 -7.57 -9.49
N ALA A 54 29.88 -7.91 -10.67
CA ALA A 54 29.84 -7.00 -11.80
C ALA A 54 28.39 -6.73 -12.21
N LEU A 55 27.62 -7.79 -12.39
CA LEU A 55 26.22 -7.66 -12.79
C LEU A 55 25.37 -6.99 -11.72
N LEU A 56 25.64 -7.31 -10.45
CA LEU A 56 24.90 -6.74 -9.34
C LEU A 56 25.05 -5.22 -9.28
N THR A 57 26.12 -4.70 -9.87
CA THR A 57 26.35 -3.25 -9.87
C THR A 57 26.21 -2.66 -11.26
N ASP A 58 25.67 -3.45 -12.18
CA ASP A 58 25.49 -3.01 -13.57
C ASP A 58 24.07 -2.45 -13.72
N PRO A 59 23.95 -1.12 -13.89
CA PRO A 59 22.64 -0.46 -14.05
C PRO A 59 21.81 -0.96 -15.22
N ARG A 60 22.40 -1.78 -16.08
CA ARG A 60 21.68 -2.32 -17.22
C ARG A 60 20.77 -3.48 -16.80
N LEU A 61 21.13 -4.13 -15.69
CA LEU A 61 20.34 -5.24 -15.17
C LEU A 61 19.42 -4.66 -14.11
N VAL A 62 18.14 -4.52 -14.46
CA VAL A 62 17.13 -3.95 -13.57
C VAL A 62 16.08 -4.95 -13.09
N LYS A 63 15.30 -4.52 -12.10
CA LYS A 63 14.24 -5.34 -11.53
C LYS A 63 12.94 -5.20 -12.33
N ASP A 64 12.75 -4.05 -12.99
CA ASP A 64 11.55 -3.79 -13.80
C ASP A 64 11.14 -4.99 -14.66
N ILE A 65 10.09 -5.68 -14.24
CA ILE A 65 9.61 -6.84 -14.96
C ILE A 65 9.21 -6.56 -16.42
N ASN A 66 8.93 -5.30 -16.73
CA ASN A 66 8.54 -4.93 -18.09
C ASN A 66 9.65 -5.17 -19.12
N VAL A 67 10.90 -5.20 -18.65
CA VAL A 67 12.03 -5.41 -19.55
C VAL A 67 12.15 -6.88 -19.96
N TRP A 68 11.40 -7.74 -19.28
CA TRP A 68 11.42 -9.17 -19.57
C TRP A 68 10.61 -9.48 -20.83
N GLY A 69 11.32 -9.83 -21.91
CA GLY A 69 10.64 -10.15 -23.15
C GLY A 69 9.57 -11.19 -23.00
N ALA A 70 9.96 -12.39 -22.57
CA ALA A 70 9.02 -13.49 -22.37
C ALA A 70 7.81 -13.02 -21.57
N TRP A 71 8.01 -12.00 -20.74
CA TRP A 71 6.93 -11.47 -19.92
C TRP A 71 5.94 -10.66 -20.73
N ARG A 72 6.42 -9.64 -21.44
CA ARG A 72 5.56 -8.79 -22.26
C ARG A 72 4.71 -9.62 -23.23
N ARG A 73 5.07 -10.88 -23.36
CA ARG A 73 4.37 -11.80 -24.24
C ARG A 73 3.54 -12.73 -23.36
N GLY A 74 3.41 -13.98 -23.77
CA GLY A 74 2.63 -14.93 -22.99
C GLY A 74 3.43 -16.18 -22.68
N GLU A 75 4.75 -16.02 -22.61
CA GLU A 75 5.64 -17.14 -22.32
C GLU A 75 5.63 -17.52 -20.84
N ILE A 76 5.03 -16.66 -20.02
CA ILE A 76 4.97 -16.92 -18.58
C ILE A 76 3.56 -17.34 -18.14
N PRO A 77 3.39 -18.63 -17.80
CA PRO A 77 2.11 -19.18 -17.36
C PRO A 77 1.53 -18.39 -16.19
N ALA A 78 0.26 -18.02 -16.30
CA ALA A 78 -0.42 -17.26 -15.26
C ALA A 78 -0.45 -18.03 -13.94
N ASP A 79 -0.28 -19.35 -14.03
CA ASP A 79 -0.29 -20.20 -12.84
C ASP A 79 1.12 -20.60 -12.41
N TRP A 80 2.13 -20.04 -13.07
CA TRP A 80 3.52 -20.33 -12.74
C TRP A 80 3.77 -20.11 -11.25
N PRO A 81 4.09 -21.19 -10.51
CA PRO A 81 4.37 -21.15 -9.07
C PRO A 81 5.31 -20.04 -8.63
N LEU A 82 6.40 -19.86 -9.37
CA LEU A 82 7.40 -18.84 -9.05
C LEU A 82 7.02 -17.43 -9.49
N ILE A 83 5.84 -17.27 -10.06
CA ILE A 83 5.41 -15.94 -10.51
C ILE A 83 5.46 -14.90 -9.39
N GLY A 84 5.21 -15.35 -8.16
CA GLY A 84 5.23 -14.43 -7.02
C GLY A 84 6.59 -13.82 -6.73
N LEU A 85 7.65 -14.61 -6.92
CA LEU A 85 9.01 -14.14 -6.68
C LEU A 85 9.50 -13.31 -7.86
N ALA A 86 8.97 -13.62 -9.04
CA ALA A 86 9.35 -12.92 -10.26
C ALA A 86 8.66 -11.56 -10.37
N ASN A 87 7.44 -11.46 -9.87
CA ASN A 87 6.68 -10.22 -9.91
C ASN A 87 6.11 -9.88 -8.54
N PRO A 88 6.98 -9.49 -7.59
CA PRO A 88 6.60 -9.14 -6.21
C PRO A 88 5.83 -7.83 -6.10
N GLY A 89 5.24 -7.60 -4.93
CA GLY A 89 4.50 -6.37 -4.72
C GLY A 89 5.50 -5.24 -4.60
N ARG A 90 5.05 -4.01 -4.81
CA ARG A 90 5.91 -2.83 -4.73
C ARG A 90 6.68 -2.73 -3.41
N SER A 91 7.99 -2.50 -3.51
CA SER A 91 8.87 -2.36 -2.36
C SER A 91 10.26 -1.99 -2.88
N MET A 92 11.24 -1.90 -2.00
CA MET A 92 12.61 -1.56 -2.44
C MET A 92 13.13 -2.66 -3.35
N LEU A 93 12.48 -3.82 -3.27
CA LEU A 93 12.85 -4.98 -4.06
C LEU A 93 12.58 -4.86 -5.56
N THR A 94 11.49 -4.17 -5.92
CA THR A 94 11.10 -4.00 -7.32
C THR A 94 11.59 -2.76 -8.08
N VAL A 95 12.39 -1.92 -7.45
CA VAL A 95 12.87 -0.72 -8.11
C VAL A 95 14.39 -0.61 -8.11
N ASP A 96 14.89 0.37 -8.85
CA ASP A 96 16.33 0.62 -8.95
C ASP A 96 16.53 2.13 -9.04
N GLY A 97 17.78 2.55 -9.17
CA GLY A 97 18.09 3.97 -9.27
C GLY A 97 17.58 4.88 -8.18
N ALA A 98 17.24 6.11 -8.57
CA ALA A 98 16.72 7.13 -7.64
C ALA A 98 15.54 6.64 -6.79
N GLU A 99 14.61 5.93 -7.39
CA GLU A 99 13.46 5.43 -6.64
C GLU A 99 13.93 4.48 -5.55
N HIS A 100 14.93 3.66 -5.88
CA HIS A 100 15.47 2.70 -4.93
C HIS A 100 16.29 3.40 -3.85
N ARG A 101 17.12 4.36 -4.24
CA ARG A 101 17.94 5.09 -3.28
C ARG A 101 17.09 5.80 -2.25
N ARG A 102 15.93 6.27 -2.67
CA ARG A 102 15.03 6.97 -1.76
C ARG A 102 14.53 6.01 -0.67
N LEU A 103 14.08 4.84 -1.06
CA LEU A 103 13.59 3.85 -0.10
C LEU A 103 14.69 3.38 0.82
N ARG A 104 15.85 3.06 0.26
CA ARG A 104 16.96 2.58 1.08
C ARG A 104 17.44 3.62 2.09
N THR A 105 17.55 4.88 1.69
CA THR A 105 18.01 5.92 2.61
C THR A 105 17.01 6.18 3.73
N LEU A 106 15.73 6.13 3.41
CA LEU A 106 14.69 6.37 4.40
C LEU A 106 14.65 5.19 5.39
N VAL A 107 14.68 3.98 4.85
CA VAL A 107 14.64 2.80 5.69
C VAL A 107 15.88 2.72 6.58
N ALA A 108 17.03 3.13 6.03
CA ALA A 108 18.29 3.11 6.77
C ALA A 108 18.30 4.04 7.98
N GLN A 109 17.32 4.93 8.07
CA GLN A 109 17.23 5.86 9.20
C GLN A 109 16.50 5.14 10.34
N ALA A 110 15.80 4.07 9.99
CA ALA A 110 15.04 3.26 10.95
C ALA A 110 15.77 1.96 11.32
N LEU A 111 16.06 1.14 10.31
CA LEU A 111 16.76 -0.13 10.55
C LEU A 111 18.25 0.22 10.52
N THR A 112 18.73 0.71 11.65
CA THR A 112 20.11 1.11 11.80
C THR A 112 20.96 0.12 12.57
N VAL A 113 22.27 0.30 12.47
CA VAL A 113 23.22 -0.56 13.16
C VAL A 113 22.97 -0.40 14.67
N ARG A 114 22.75 0.84 15.08
CA ARG A 114 22.50 1.14 16.48
C ARG A 114 21.26 0.42 17.01
N ARG A 115 20.16 0.47 16.26
CA ARG A 115 18.95 -0.19 16.70
C ARG A 115 19.21 -1.69 16.91
N VAL A 116 19.92 -2.30 15.97
CA VAL A 116 20.23 -3.73 16.08
C VAL A 116 21.08 -4.01 17.30
N GLU A 117 22.09 -3.18 17.54
CA GLU A 117 22.96 -3.38 18.71
C GLU A 117 22.10 -3.33 19.97
N HIS A 118 21.14 -2.42 20.00
CA HIS A 118 20.28 -2.29 21.16
C HIS A 118 19.24 -3.39 21.32
N MET A 119 19.22 -4.34 20.38
CA MET A 119 18.28 -5.46 20.42
C MET A 119 18.96 -6.68 21.07
N ARG A 120 20.26 -6.59 21.28
CA ARG A 120 21.02 -7.70 21.88
C ARG A 120 20.39 -8.24 23.16
N GLY A 121 20.06 -7.34 24.08
CA GLY A 121 19.47 -7.77 25.34
C GLY A 121 18.18 -8.55 25.14
N ARG A 122 17.30 -8.05 24.29
CA ARG A 122 16.04 -8.71 24.02
C ARG A 122 16.25 -10.05 23.29
N ILE A 123 17.19 -10.08 22.35
CA ILE A 123 17.46 -11.30 21.62
C ILE A 123 17.99 -12.37 22.59
N THR A 124 18.81 -11.92 23.53
CA THR A 124 19.39 -12.82 24.52
C THR A 124 18.32 -13.40 25.43
N GLU A 125 17.34 -12.57 25.81
CA GLU A 125 16.25 -13.00 26.67
C GLU A 125 15.37 -14.01 25.94
N LEU A 126 15.02 -13.72 24.70
CA LEU A 126 14.17 -14.63 23.93
C LEU A 126 14.89 -15.96 23.72
N THR A 127 16.18 -15.89 23.42
CA THR A 127 16.97 -17.10 23.21
C THR A 127 16.92 -18.00 24.44
N ASP A 128 17.18 -17.42 25.61
CA ASP A 128 17.17 -18.18 26.85
C ASP A 128 15.78 -18.76 27.13
N ARG A 129 14.75 -17.98 26.85
CA ARG A 129 13.37 -18.42 27.06
C ARG A 129 13.08 -19.64 26.18
N LEU A 130 13.53 -19.61 24.93
CA LEU A 130 13.30 -20.73 24.03
C LEU A 130 14.11 -21.96 24.46
N LEU A 131 15.33 -21.72 24.95
CA LEU A 131 16.17 -22.83 25.41
C LEU A 131 15.54 -23.47 26.63
N ASP A 132 14.88 -22.67 27.46
CA ASP A 132 14.24 -23.20 28.66
C ASP A 132 13.12 -24.17 28.28
N GLU A 133 12.50 -23.93 27.13
CA GLU A 133 11.41 -24.77 26.65
C GLU A 133 11.83 -26.08 26.00
N LEU A 134 13.12 -26.23 25.72
CA LEU A 134 13.60 -27.46 25.11
C LEU A 134 13.48 -28.63 26.08
N PRO A 135 13.04 -29.80 25.58
CA PRO A 135 12.88 -31.00 26.41
C PRO A 135 14.20 -31.42 27.03
N ALA A 136 14.14 -32.09 28.17
CA ALA A 136 15.35 -32.55 28.85
C ALA A 136 15.45 -34.07 28.85
N ASP A 137 14.35 -34.73 28.47
CA ASP A 137 14.28 -36.18 28.40
C ASP A 137 15.50 -36.82 27.75
N GLY A 138 16.17 -36.07 26.87
CA GLY A 138 17.34 -36.60 26.20
C GLY A 138 16.99 -37.21 24.85
N GLY A 139 15.71 -37.23 24.53
CA GLY A 139 15.26 -37.79 23.27
C GLY A 139 15.62 -36.90 22.09
N VAL A 140 15.16 -37.28 20.90
CA VAL A 140 15.44 -36.51 19.71
C VAL A 140 14.54 -35.29 19.63
N VAL A 141 15.11 -34.14 19.32
CA VAL A 141 14.33 -32.93 19.21
C VAL A 141 14.64 -32.22 17.90
N ASP A 142 13.61 -31.66 17.29
CA ASP A 142 13.78 -30.96 16.02
C ASP A 142 14.15 -29.54 16.41
N LEU A 143 15.44 -29.26 16.42
CA LEU A 143 15.95 -27.94 16.79
C LEU A 143 15.43 -26.82 15.92
N LYS A 144 15.01 -27.13 14.69
CA LYS A 144 14.49 -26.08 13.83
C LYS A 144 13.13 -25.63 14.36
N ALA A 145 12.19 -26.56 14.45
CA ALA A 145 10.86 -26.23 14.95
C ALA A 145 10.84 -25.70 16.38
N ALA A 146 11.65 -26.28 17.25
CA ALA A 146 11.70 -25.85 18.64
C ALA A 146 12.58 -24.66 19.01
N PHE A 147 13.53 -24.29 18.15
CA PHE A 147 14.41 -23.18 18.48
C PHE A 147 14.68 -22.17 17.37
N ALA A 148 15.30 -22.63 16.29
CA ALA A 148 15.62 -21.77 15.17
C ALA A 148 14.44 -21.06 14.51
N TYR A 149 13.32 -21.77 14.35
CA TYR A 149 12.14 -21.18 13.73
C TYR A 149 11.47 -20.06 14.53
N PRO A 150 11.14 -20.31 15.80
CA PRO A 150 10.49 -19.27 16.60
C PRO A 150 11.31 -18.02 16.93
N LEU A 151 12.61 -18.17 17.12
CA LEU A 151 13.45 -17.02 17.45
C LEU A 151 13.30 -15.79 16.57
N PRO A 152 13.54 -15.92 15.25
CA PRO A 152 13.42 -14.74 14.37
C PRO A 152 12.02 -14.12 14.34
N MET A 153 11.00 -14.93 14.63
CA MET A 153 9.63 -14.43 14.66
C MET A 153 9.44 -13.49 15.84
N TYR A 154 9.80 -13.95 17.04
CA TYR A 154 9.65 -13.11 18.21
C TYR A 154 10.57 -11.90 18.15
N VAL A 155 11.78 -12.09 17.63
CA VAL A 155 12.72 -10.98 17.52
C VAL A 155 12.19 -9.87 16.60
N VAL A 156 11.77 -10.25 15.40
CA VAL A 156 11.27 -9.24 14.46
C VAL A 156 10.01 -8.55 14.98
N ALA A 157 9.15 -9.30 15.66
CA ALA A 157 7.92 -8.73 16.20
C ALA A 157 8.27 -7.65 17.23
N ASP A 158 9.24 -7.96 18.09
CA ASP A 158 9.67 -7.03 19.13
C ASP A 158 10.32 -5.82 18.47
N LEU A 159 11.16 -6.07 17.48
CA LEU A 159 11.85 -4.99 16.76
C LEU A 159 10.83 -4.04 16.12
N MET A 160 9.80 -4.62 15.50
CA MET A 160 8.76 -3.82 14.83
C MET A 160 7.77 -3.14 15.77
N GLY A 161 7.82 -3.49 17.05
CA GLY A 161 6.91 -2.87 18.00
C GLY A 161 5.52 -3.48 17.97
N ILE A 162 5.40 -4.71 17.47
CA ILE A 162 4.11 -5.37 17.42
C ILE A 162 3.63 -5.68 18.83
N GLU A 163 2.39 -5.28 19.13
CA GLU A 163 1.79 -5.51 20.45
C GLU A 163 1.96 -6.98 20.89
N GLU A 164 2.53 -7.18 22.07
CA GLU A 164 2.75 -8.54 22.58
C GLU A 164 1.50 -9.41 22.68
N ALA A 165 0.34 -8.79 22.87
CA ALA A 165 -0.90 -9.55 22.97
C ALA A 165 -1.25 -10.21 21.63
N ARG A 166 -0.66 -9.71 20.55
CA ARG A 166 -0.91 -10.25 19.22
C ARG A 166 0.01 -11.41 18.85
N LEU A 167 1.04 -11.66 19.66
CA LEU A 167 1.98 -12.74 19.38
C LEU A 167 1.39 -14.13 19.16
N PRO A 168 0.47 -14.57 20.04
CA PRO A 168 -0.12 -15.89 19.83
C PRO A 168 -0.70 -16.04 18.42
N ARG A 169 -1.43 -15.03 17.98
CA ARG A 169 -2.04 -15.05 16.65
C ARG A 169 -0.96 -14.95 15.58
N LEU A 170 0.03 -14.10 15.83
CA LEU A 170 1.13 -13.93 14.87
C LEU A 170 1.80 -15.28 14.62
N LYS A 171 1.94 -16.07 15.68
CA LYS A 171 2.56 -17.39 15.59
C LYS A 171 1.74 -18.29 14.68
N VAL A 172 0.42 -18.30 14.87
CA VAL A 172 -0.45 -19.12 14.04
C VAL A 172 -0.37 -18.66 12.59
N LEU A 173 -0.31 -17.35 12.39
CA LEU A 173 -0.23 -16.80 11.03
C LEU A 173 1.08 -17.20 10.36
N PHE A 174 2.20 -17.07 11.08
CA PHE A 174 3.50 -17.43 10.53
C PHE A 174 3.49 -18.90 10.13
N GLU A 175 2.99 -19.75 11.02
CA GLU A 175 2.93 -21.18 10.74
C GLU A 175 2.24 -21.45 9.40
N LYS A 176 1.05 -20.88 9.22
CA LYS A 176 0.30 -21.06 7.99
C LYS A 176 0.97 -20.43 6.78
N PHE A 177 1.46 -19.20 6.95
CA PHE A 177 2.11 -18.50 5.86
C PHE A 177 3.36 -19.17 5.30
N PHE A 178 4.19 -19.75 6.18
CA PHE A 178 5.40 -20.40 5.71
C PHE A 178 5.31 -21.93 5.55
N SER A 179 4.17 -22.53 5.91
CA SER A 179 4.01 -23.97 5.78
C SER A 179 3.77 -24.39 4.33
N THR A 180 4.50 -25.40 3.87
CA THR A 180 4.38 -25.90 2.50
C THR A 180 3.08 -26.67 2.27
N GLN A 181 2.35 -26.93 3.36
CA GLN A 181 1.10 -27.68 3.25
C GLN A 181 -0.14 -26.79 3.30
N THR A 182 0.07 -25.49 3.49
CA THR A 182 -1.06 -24.57 3.55
C THR A 182 -1.61 -24.37 2.14
N PRO A 183 -2.94 -24.50 1.96
CA PRO A 183 -3.58 -24.32 0.66
C PRO A 183 -3.24 -22.92 0.12
N PRO A 184 -2.87 -22.83 -1.17
CA PRO A 184 -2.51 -21.56 -1.81
C PRO A 184 -3.44 -20.40 -1.48
N GLU A 185 -4.74 -20.65 -1.51
CA GLU A 185 -5.73 -19.63 -1.20
C GLU A 185 -5.61 -19.19 0.25
N GLU A 186 -5.30 -20.13 1.13
CA GLU A 186 -5.17 -19.82 2.54
C GLU A 186 -3.90 -19.01 2.81
N VAL A 187 -2.90 -19.19 1.96
CA VAL A 187 -1.65 -18.46 2.12
C VAL A 187 -1.93 -16.99 1.80
N VAL A 188 -2.73 -16.77 0.76
CA VAL A 188 -3.08 -15.42 0.35
C VAL A 188 -3.90 -14.74 1.43
N ALA A 189 -4.85 -15.46 2.00
CA ALA A 189 -5.69 -14.90 3.04
C ALA A 189 -4.85 -14.54 4.26
N THR A 190 -3.91 -15.42 4.61
CA THR A 190 -3.03 -15.22 5.75
C THR A 190 -2.14 -13.99 5.59
N LEU A 191 -1.64 -13.78 4.38
CA LEU A 191 -0.78 -12.63 4.12
C LEU A 191 -1.55 -11.34 4.42
N THR A 192 -2.84 -11.32 4.12
CA THR A 192 -3.63 -10.13 4.37
C THR A 192 -3.80 -9.90 5.87
N GLU A 193 -3.99 -10.96 6.64
CA GLU A 193 -4.14 -10.76 8.07
C GLU A 193 -2.83 -10.26 8.66
N LEU A 194 -1.71 -10.68 8.07
CA LEU A 194 -0.41 -10.24 8.57
C LEU A 194 -0.32 -8.76 8.24
N ALA A 195 -0.77 -8.37 7.04
CA ALA A 195 -0.75 -6.97 6.63
C ALA A 195 -1.60 -6.19 7.60
N SER A 196 -2.68 -6.81 8.06
CA SER A 196 -3.59 -6.17 9.00
C SER A 196 -2.85 -5.84 10.30
N ILE A 197 -2.07 -6.79 10.80
CA ILE A 197 -1.32 -6.56 12.04
C ILE A 197 -0.29 -5.46 11.85
N MET A 198 0.38 -5.46 10.69
CA MET A 198 1.40 -4.46 10.38
C MET A 198 0.77 -3.08 10.29
N THR A 199 -0.38 -2.99 9.62
CA THR A 199 -1.08 -1.71 9.47
C THR A 199 -1.54 -1.18 10.82
N ASP A 200 -2.01 -2.08 11.68
CA ASP A 200 -2.48 -1.70 13.02
C ASP A 200 -1.28 -1.12 13.77
N THR A 201 -0.12 -1.75 13.60
CA THR A 201 1.09 -1.30 14.27
C THR A 201 1.48 0.11 13.81
N VAL A 202 1.40 0.36 12.51
CA VAL A 202 1.74 1.68 11.98
C VAL A 202 0.76 2.70 12.56
N ALA A 203 -0.52 2.36 12.57
CA ALA A 203 -1.54 3.27 13.10
C ALA A 203 -1.28 3.55 14.57
N ALA A 204 -0.92 2.49 15.30
CA ALA A 204 -0.65 2.62 16.73
C ALA A 204 0.56 3.49 17.02
N LYS A 205 1.63 3.33 16.24
CA LYS A 205 2.84 4.13 16.46
C LYS A 205 2.68 5.58 16.00
N ARG A 206 1.79 5.83 15.05
CA ARG A 206 1.59 7.19 14.58
C ARG A 206 0.86 7.88 15.72
N ALA A 207 -0.06 7.16 16.35
CA ALA A 207 -0.84 7.69 17.45
C ALA A 207 0.03 7.89 18.68
N ALA A 208 0.96 6.98 18.92
CA ALA A 208 1.84 7.06 20.07
C ALA A 208 3.23 6.51 19.76
N PRO A 209 4.14 7.39 19.29
CA PRO A 209 5.51 7.02 18.94
C PRO A 209 6.25 6.35 20.11
N GLY A 210 7.14 5.42 19.76
CA GLY A 210 7.91 4.71 20.78
C GLY A 210 9.30 4.43 20.25
N ASP A 211 10.03 3.55 20.93
CA ASP A 211 11.39 3.21 20.51
C ASP A 211 11.37 1.86 19.81
N ASP A 212 10.82 1.83 18.61
CA ASP A 212 10.74 0.61 17.83
C ASP A 212 11.01 0.94 16.36
N LEU A 213 11.13 -0.09 15.54
CA LEU A 213 11.39 0.11 14.13
C LEU A 213 10.24 0.77 13.37
N THR A 214 9.00 0.48 13.75
CA THR A 214 7.87 1.09 13.05
C THR A 214 7.81 2.59 13.33
N SER A 215 7.98 2.98 14.58
CA SER A 215 7.96 4.40 14.94
C SER A 215 9.06 5.12 14.15
N ALA A 216 10.22 4.47 14.04
CA ALA A 216 11.37 5.03 13.32
C ALA A 216 11.13 5.16 11.82
N LEU A 217 10.41 4.19 11.24
CA LEU A 217 10.11 4.22 9.81
C LEU A 217 9.13 5.37 9.53
N ILE A 218 8.24 5.59 10.49
CA ILE A 218 7.25 6.67 10.39
C ILE A 218 7.96 8.02 10.40
N GLN A 219 8.90 8.16 11.34
CA GLN A 219 9.67 9.38 11.50
C GLN A 219 10.79 9.66 10.50
N ALA A 220 11.17 8.66 9.72
CA ALA A 220 12.24 8.84 8.73
C ALA A 220 11.84 9.97 7.78
N SER A 221 12.82 10.75 7.35
CA SER A 221 12.54 11.86 6.44
C SER A 221 13.78 12.34 5.68
N GLU A 222 13.53 12.87 4.50
CA GLU A 222 14.58 13.41 3.63
C GLU A 222 14.11 14.77 3.15
N ASN A 223 14.53 15.82 3.85
CA ASN A 223 14.16 17.18 3.50
C ASN A 223 12.67 17.30 3.21
N GLY A 224 11.85 16.87 4.17
CA GLY A 224 10.41 16.95 3.99
C GLY A 224 9.81 15.66 3.44
N ASP A 225 10.59 14.92 2.67
CA ASP A 225 10.11 13.67 2.10
C ASP A 225 10.08 12.58 3.16
N HIS A 226 9.16 11.63 3.01
CA HIS A 226 9.04 10.55 3.97
C HIS A 226 8.30 9.34 3.37
N LEU A 227 8.29 8.25 4.11
CA LEU A 227 7.64 7.03 3.67
C LEU A 227 6.13 7.15 3.83
N THR A 228 5.38 6.57 2.89
CA THR A 228 3.93 6.64 2.97
C THR A 228 3.51 5.42 3.79
N ASP A 229 2.25 5.37 4.22
CA ASP A 229 1.78 4.24 5.01
C ASP A 229 1.98 2.97 4.20
N ALA A 230 1.68 3.02 2.90
CA ALA A 230 1.83 1.86 2.03
C ALA A 230 3.28 1.40 1.94
N GLU A 231 4.20 2.36 1.84
CA GLU A 231 5.62 2.03 1.74
C GLU A 231 6.11 1.42 3.06
N ILE A 232 5.56 1.88 4.17
CA ILE A 232 5.98 1.36 5.47
C ILE A 232 5.47 -0.07 5.60
N VAL A 233 4.21 -0.29 5.26
CA VAL A 233 3.64 -1.62 5.35
C VAL A 233 4.33 -2.60 4.41
N SER A 234 4.63 -2.18 3.17
CA SER A 234 5.29 -3.08 2.24
C SER A 234 6.70 -3.41 2.75
N THR A 235 7.31 -2.46 3.46
CA THR A 235 8.66 -2.69 3.99
C THR A 235 8.60 -3.72 5.12
N LEU A 236 7.63 -3.56 6.02
CA LEU A 236 7.49 -4.49 7.13
C LEU A 236 7.21 -5.89 6.57
N GLN A 237 6.32 -5.96 5.59
CA GLN A 237 5.99 -7.25 4.98
C GLN A 237 7.20 -7.89 4.33
N LEU A 238 8.01 -7.08 3.66
CA LEU A 238 9.20 -7.58 2.99
C LEU A 238 10.21 -8.12 3.98
N MET A 239 10.34 -7.47 5.14
CA MET A 239 11.28 -7.92 6.16
C MET A 239 10.90 -9.31 6.67
N VAL A 240 9.61 -9.59 6.72
CA VAL A 240 9.17 -10.90 7.18
C VAL A 240 9.46 -11.91 6.07
N ALA A 241 9.09 -11.56 4.84
CA ALA A 241 9.31 -12.42 3.68
C ALA A 241 10.79 -12.69 3.36
N ALA A 242 11.64 -11.70 3.60
CA ALA A 242 13.07 -11.87 3.32
C ALA A 242 13.95 -12.25 4.50
N GLY A 243 13.50 -11.97 5.71
CA GLY A 243 14.34 -12.30 6.84
C GLY A 243 13.97 -13.40 7.82
N HIS A 244 12.81 -14.03 7.65
CA HIS A 244 12.46 -15.07 8.59
C HIS A 244 13.14 -16.40 8.30
N GLU A 245 12.78 -17.03 7.19
CA GLU A 245 13.36 -18.31 6.82
C GLU A 245 14.87 -18.25 6.59
N THR A 246 15.37 -17.10 6.15
CA THR A 246 16.81 -16.97 5.91
C THR A 246 17.54 -17.04 7.24
N THR A 247 17.09 -16.27 8.22
CA THR A 247 17.73 -16.26 9.52
C THR A 247 17.67 -17.66 10.15
N ILE A 248 16.52 -18.32 10.02
CA ILE A 248 16.35 -19.66 10.57
C ILE A 248 17.40 -20.59 9.96
N SER A 249 17.50 -20.57 8.64
CA SER A 249 18.47 -21.41 7.93
C SER A 249 19.91 -21.09 8.28
N LEU A 250 20.19 -19.83 8.60
CA LEU A 250 21.55 -19.46 8.95
C LEU A 250 21.92 -20.21 10.23
N ILE A 251 21.01 -20.18 11.21
CA ILE A 251 21.23 -20.86 12.48
C ILE A 251 21.31 -22.39 12.26
N VAL A 252 20.34 -22.91 11.52
CA VAL A 252 20.31 -24.36 11.23
C VAL A 252 21.57 -24.85 10.53
N ASN A 253 21.93 -24.19 9.43
CA ASN A 253 23.13 -24.60 8.69
C ASN A 253 24.41 -24.46 9.52
N ALA A 254 24.45 -23.48 10.42
CA ALA A 254 25.64 -23.31 11.25
C ALA A 254 25.78 -24.54 12.16
N VAL A 255 24.67 -24.98 12.75
CA VAL A 255 24.68 -26.14 13.63
C VAL A 255 25.08 -27.38 12.83
N VAL A 256 24.57 -27.49 11.60
CA VAL A 256 24.92 -28.65 10.78
C VAL A 256 26.41 -28.65 10.47
N ASN A 257 26.93 -27.49 10.10
CA ASN A 257 28.35 -27.36 9.77
C ASN A 257 29.27 -27.69 10.95
N LEU A 258 28.93 -27.21 12.14
CA LEU A 258 29.76 -27.49 13.30
C LEU A 258 29.68 -28.97 13.64
N SER A 259 28.49 -29.55 13.50
CA SER A 259 28.29 -30.96 13.80
C SER A 259 29.10 -31.86 12.87
N THR A 260 29.26 -31.42 11.63
CA THR A 260 30.01 -32.20 10.65
C THR A 260 31.49 -31.86 10.57
N HIS A 261 31.94 -30.89 11.36
CA HIS A 261 33.35 -30.50 11.36
C HIS A 261 33.80 -30.37 12.82
N PRO A 262 33.94 -31.50 13.51
CA PRO A 262 34.34 -31.61 14.91
C PRO A 262 35.52 -30.74 15.35
N GLU A 263 36.62 -30.78 14.59
CA GLU A 263 37.78 -29.99 14.94
C GLU A 263 37.51 -28.49 14.96
N GLN A 264 36.66 -28.03 14.06
CA GLN A 264 36.33 -26.61 13.98
C GLN A 264 35.38 -26.23 15.10
N ARG A 265 34.44 -27.12 15.42
CA ARG A 265 33.48 -26.86 16.48
C ARG A 265 34.30 -26.72 17.77
N ALA A 266 35.26 -27.63 17.95
CA ALA A 266 36.10 -27.62 19.13
C ALA A 266 36.84 -26.29 19.27
N LEU A 267 37.39 -25.78 18.16
CA LEU A 267 38.11 -24.51 18.18
C LEU A 267 37.23 -23.38 18.72
N VAL A 268 35.97 -23.36 18.29
CA VAL A 268 35.04 -22.33 18.73
C VAL A 268 34.65 -22.51 20.20
N LEU A 269 34.37 -23.75 20.61
CA LEU A 269 33.99 -24.02 22.00
C LEU A 269 35.11 -23.70 22.99
N SER A 270 36.36 -23.81 22.52
CA SER A 270 37.51 -23.52 23.38
C SER A 270 37.83 -22.03 23.40
N GLY A 271 37.20 -21.28 22.50
CA GLY A 271 37.45 -19.85 22.44
C GLY A 271 38.57 -19.46 21.50
N GLU A 272 39.18 -20.45 20.84
CA GLU A 272 40.28 -20.18 19.92
C GLU A 272 39.78 -19.57 18.61
N ALA A 273 38.51 -19.78 18.30
CA ALA A 273 37.90 -19.24 17.09
C ALA A 273 36.64 -18.51 17.52
N GLU A 274 36.31 -17.43 16.81
CA GLU A 274 35.13 -16.63 17.11
C GLU A 274 33.84 -17.20 16.53
N TRP A 275 32.71 -16.89 17.17
CA TRP A 275 31.43 -17.38 16.68
C TRP A 275 31.08 -16.66 15.38
N SER A 276 31.61 -15.45 15.21
CA SER A 276 31.33 -14.70 14.00
C SER A 276 31.94 -15.45 12.81
N ALA A 277 33.03 -16.17 13.04
CA ALA A 277 33.67 -16.92 11.97
C ALA A 277 32.75 -18.07 11.56
N VAL A 278 32.03 -18.63 12.51
CA VAL A 278 31.10 -19.71 12.23
C VAL A 278 30.02 -19.17 11.31
N VAL A 279 29.50 -18.01 11.68
CA VAL A 279 28.46 -17.35 10.91
C VAL A 279 28.87 -16.98 9.49
N GLU A 280 30.01 -16.32 9.33
CA GLU A 280 30.48 -15.91 8.02
C GLU A 280 30.83 -17.07 7.10
N GLU A 281 31.45 -18.12 7.65
CA GLU A 281 31.81 -19.27 6.82
C GLU A 281 30.52 -20.01 6.43
N THR A 282 29.54 -19.99 7.33
CA THR A 282 28.26 -20.66 7.05
C THR A 282 27.55 -19.92 5.92
N LEU A 283 27.64 -18.60 5.94
CA LEU A 283 27.00 -17.78 4.91
C LEU A 283 27.67 -18.06 3.55
N ARG A 284 28.99 -18.23 3.55
CA ARG A 284 29.70 -18.49 2.30
C ARG A 284 29.47 -19.91 1.76
N PHE A 285 29.75 -20.89 2.62
CA PHE A 285 29.60 -22.30 2.30
C PHE A 285 28.19 -22.86 2.12
N SER A 286 27.25 -22.37 2.91
CA SER A 286 25.88 -22.84 2.85
C SER A 286 24.86 -21.71 3.07
N THR A 287 24.88 -20.72 2.20
CA THR A 287 23.95 -19.61 2.33
C THR A 287 22.51 -20.08 2.29
N PRO A 288 21.64 -19.42 3.07
CA PRO A 288 20.21 -19.77 3.13
C PRO A 288 19.52 -19.38 1.83
N THR A 289 20.15 -18.48 1.07
CA THR A 289 19.59 -18.02 -0.19
C THR A 289 20.41 -18.50 -1.38
N SER A 290 20.00 -19.64 -1.94
CA SER A 290 20.66 -20.25 -3.08
C SER A 290 20.58 -19.45 -4.38
N HIS A 291 19.40 -18.94 -4.68
CA HIS A 291 19.19 -18.15 -5.89
C HIS A 291 18.29 -16.96 -5.61
N VAL A 292 18.47 -15.89 -6.36
CA VAL A 292 17.65 -14.72 -6.18
C VAL A 292 17.06 -14.25 -7.50
N LEU A 293 15.74 -14.23 -7.55
CA LEU A 293 15.01 -13.80 -8.72
C LEU A 293 14.68 -12.35 -8.39
N ILE A 294 14.77 -11.44 -9.36
CA ILE A 294 15.18 -11.75 -10.72
C ILE A 294 15.56 -10.42 -11.35
N ARG A 295 16.43 -10.45 -12.35
CA ARG A 295 16.85 -9.23 -13.01
C ARG A 295 16.70 -9.39 -14.53
N PHE A 296 16.57 -8.27 -15.23
CA PHE A 296 16.41 -8.28 -16.68
C PHE A 296 17.37 -7.29 -17.36
N ALA A 297 17.87 -7.67 -18.52
CA ALA A 297 18.80 -6.81 -19.26
C ALA A 297 18.10 -5.77 -20.13
N ALA A 298 18.27 -4.50 -19.77
CA ALA A 298 17.65 -3.41 -20.53
C ALA A 298 18.35 -3.34 -21.89
N GLU A 299 19.61 -3.74 -21.91
CA GLU A 299 20.42 -3.74 -23.12
C GLU A 299 21.28 -5.00 -23.08
N ASP A 300 21.80 -5.43 -24.23
CA ASP A 300 22.63 -6.62 -24.26
C ASP A 300 23.80 -6.39 -23.30
N VAL A 301 24.13 -7.40 -22.51
CA VAL A 301 25.22 -7.28 -21.56
C VAL A 301 26.22 -8.42 -21.67
N PRO A 302 27.51 -8.08 -21.88
CA PRO A 302 28.56 -9.09 -22.01
C PRO A 302 28.93 -9.71 -20.66
N VAL A 303 29.08 -11.03 -20.65
CA VAL A 303 29.43 -11.77 -19.45
C VAL A 303 30.43 -12.84 -19.89
N GLY A 304 31.72 -12.55 -19.74
CA GLY A 304 32.72 -13.51 -20.13
C GLY A 304 32.66 -13.65 -21.65
N ASP A 305 32.61 -14.90 -22.13
CA ASP A 305 32.55 -15.14 -23.57
C ASP A 305 31.11 -15.13 -24.08
N ARG A 306 30.14 -15.03 -23.17
CA ARG A 306 28.73 -15.02 -23.57
C ARG A 306 28.12 -13.64 -23.41
N VAL A 307 26.83 -13.52 -23.72
CA VAL A 307 26.13 -12.25 -23.62
C VAL A 307 24.64 -12.42 -23.30
N ILE A 308 24.15 -11.60 -22.38
CA ILE A 308 22.74 -11.66 -21.99
C ILE A 308 22.01 -10.71 -22.92
N PRO A 309 21.22 -11.25 -23.85
CA PRO A 309 20.47 -10.42 -24.80
C PRO A 309 19.51 -9.49 -24.07
N ALA A 310 19.23 -8.33 -24.64
CA ALA A 310 18.32 -7.39 -24.00
C ALA A 310 16.97 -8.11 -23.93
N GLY A 311 16.28 -7.94 -22.81
CA GLY A 311 14.99 -8.58 -22.65
C GLY A 311 15.04 -9.95 -22.00
N ASP A 312 16.24 -10.48 -21.79
CA ASP A 312 16.39 -11.79 -21.16
C ASP A 312 16.45 -11.63 -19.65
N ALA A 313 16.24 -12.73 -18.92
CA ALA A 313 16.27 -12.70 -17.47
C ALA A 313 17.55 -13.25 -16.85
N LEU A 314 17.86 -12.79 -15.64
CA LEU A 314 19.04 -13.22 -14.92
C LEU A 314 18.80 -13.42 -13.43
N ILE A 315 19.23 -14.56 -12.91
CA ILE A 315 19.06 -14.85 -11.48
C ILE A 315 20.48 -14.94 -10.94
N VAL A 316 20.68 -14.60 -9.67
CA VAL A 316 22.01 -14.65 -9.08
C VAL A 316 22.07 -15.91 -8.22
N SER A 317 22.96 -16.82 -8.60
CA SER A 317 23.13 -18.08 -7.88
C SER A 317 24.15 -18.00 -6.76
N TYR A 318 23.76 -17.33 -5.67
CA TYR A 318 24.66 -17.18 -4.53
C TYR A 318 25.14 -18.51 -3.94
N GLY A 319 24.27 -19.51 -3.92
CA GLY A 319 24.67 -20.79 -3.38
C GLY A 319 25.86 -21.37 -4.12
N ALA A 320 25.76 -21.42 -5.44
CA ALA A 320 26.84 -21.95 -6.26
C ALA A 320 28.13 -21.13 -6.21
N LEU A 321 28.02 -19.82 -6.41
CA LEU A 321 29.21 -18.96 -6.39
C LEU A 321 29.89 -18.85 -5.03
N GLY A 322 29.20 -19.25 -3.97
CA GLY A 322 29.81 -19.18 -2.65
C GLY A 322 31.02 -20.08 -2.57
N ARG A 323 31.02 -21.15 -3.35
CA ARG A 323 32.14 -22.08 -3.37
C ARG A 323 33.01 -21.94 -4.63
N ASP A 324 33.04 -20.73 -5.18
CA ASP A 324 33.83 -20.43 -6.38
C ASP A 324 35.31 -20.47 -5.98
N GLU A 325 36.06 -21.43 -6.52
CA GLU A 325 37.48 -21.54 -6.20
C GLU A 325 38.32 -20.38 -6.72
N ARG A 326 37.78 -19.60 -7.63
CA ARG A 326 38.49 -18.47 -8.20
C ARG A 326 38.53 -17.33 -7.16
N ALA A 327 37.56 -17.35 -6.26
CA ALA A 327 37.48 -16.32 -5.22
C ALA A 327 38.02 -16.73 -3.86
N HIS A 328 37.93 -18.01 -3.53
CA HIS A 328 38.42 -18.47 -2.23
C HIS A 328 39.49 -19.55 -2.28
N GLY A 329 40.02 -19.79 -3.47
CA GLY A 329 41.05 -20.81 -3.61
C GLY A 329 40.53 -22.25 -3.60
N PRO A 330 41.43 -23.23 -3.65
CA PRO A 330 41.18 -24.68 -3.66
C PRO A 330 40.24 -25.22 -2.58
N THR A 331 40.32 -24.65 -1.37
CA THR A 331 39.47 -25.10 -0.27
C THR A 331 38.08 -24.46 -0.26
N ALA A 332 37.72 -23.78 -1.34
CA ALA A 332 36.41 -23.14 -1.42
C ALA A 332 35.28 -24.16 -1.36
N ASP A 333 35.60 -25.39 -1.72
CA ASP A 333 34.62 -26.48 -1.72
C ASP A 333 34.35 -27.11 -0.35
N ARG A 334 35.00 -26.61 0.69
CA ARG A 334 34.78 -27.19 2.01
C ARG A 334 34.57 -26.14 3.10
N PHE A 335 34.00 -26.57 4.22
CA PHE A 335 33.74 -25.69 5.35
C PHE A 335 35.00 -25.57 6.20
N ASP A 336 35.50 -24.35 6.34
CA ASP A 336 36.70 -24.09 7.11
C ASP A 336 36.64 -22.66 7.62
N LEU A 337 36.20 -22.51 8.86
CA LEU A 337 36.08 -21.19 9.47
C LEU A 337 37.40 -20.51 9.82
N THR A 338 38.53 -21.16 9.52
CA THR A 338 39.83 -20.57 9.82
C THR A 338 40.45 -20.01 8.54
N ARG A 339 39.74 -20.15 7.42
CA ARG A 339 40.23 -19.65 6.15
C ARG A 339 40.43 -18.14 6.13
N THR A 340 41.34 -17.68 5.27
CA THR A 340 41.65 -16.26 5.14
C THR A 340 41.69 -15.91 3.64
N SER A 341 40.50 -15.84 3.03
CA SER A 341 40.38 -15.52 1.62
C SER A 341 40.58 -14.04 1.34
N GLY A 342 40.97 -13.71 0.12
CA GLY A 342 41.18 -12.31 -0.24
C GLY A 342 39.87 -11.71 -0.68
N ASN A 343 38.82 -12.53 -0.64
CA ASN A 343 37.48 -12.08 -1.04
C ASN A 343 36.43 -12.46 -0.02
N ARG A 344 35.72 -11.46 0.48
CA ARG A 344 34.67 -11.71 1.46
C ARG A 344 33.53 -12.29 0.65
N HIS A 345 32.66 -13.06 1.29
CA HIS A 345 31.54 -13.64 0.56
C HIS A 345 30.57 -12.52 0.19
N ILE A 346 29.65 -12.79 -0.74
CA ILE A 346 28.67 -11.80 -1.15
C ILE A 346 27.29 -12.42 -0.98
N SER A 347 27.14 -13.25 0.06
CA SER A 347 25.87 -13.91 0.33
C SER A 347 24.74 -12.97 0.78
N PHE A 348 25.10 -11.73 1.12
CA PHE A 348 24.11 -10.74 1.53
C PHE A 348 23.89 -9.82 0.33
N GLY A 349 24.46 -10.21 -0.80
CA GLY A 349 24.32 -9.41 -2.02
C GLY A 349 25.45 -8.42 -2.22
N HIS A 350 25.32 -7.57 -3.23
CA HIS A 350 26.34 -6.58 -3.53
C HIS A 350 25.69 -5.47 -4.35
N GLY A 351 26.15 -4.25 -4.17
CA GLY A 351 25.57 -3.15 -4.91
C GLY A 351 24.43 -2.52 -4.13
N PRO A 352 23.59 -1.71 -4.80
CA PRO A 352 22.45 -1.03 -4.18
C PRO A 352 21.48 -1.89 -3.38
N HIS A 353 21.14 -3.07 -3.92
CA HIS A 353 20.22 -3.99 -3.26
C HIS A 353 20.79 -4.86 -2.13
N VAL A 354 22.00 -4.54 -1.67
CA VAL A 354 22.61 -5.33 -0.59
C VAL A 354 21.67 -5.45 0.62
N CYS A 355 21.53 -6.66 1.13
CA CYS A 355 20.67 -6.93 2.28
C CYS A 355 20.76 -5.97 3.47
N PRO A 356 19.65 -5.26 3.80
CA PRO A 356 19.67 -4.34 4.93
C PRO A 356 19.50 -5.08 6.25
N GLY A 357 19.28 -6.39 6.16
CA GLY A 357 19.11 -7.19 7.36
C GLY A 357 20.38 -7.95 7.73
N ALA A 358 21.51 -7.58 7.12
CA ALA A 358 22.78 -8.24 7.41
C ALA A 358 23.18 -8.15 8.89
N ALA A 359 23.09 -6.95 9.46
CA ALA A 359 23.44 -6.78 10.86
C ALA A 359 22.46 -7.52 11.77
N LEU A 360 21.17 -7.44 11.47
CA LEU A 360 20.17 -8.12 12.27
C LEU A 360 20.37 -9.64 12.31
N SER A 361 20.53 -10.25 11.13
CA SER A 361 20.73 -11.70 11.08
C SER A 361 22.03 -12.12 11.78
N ARG A 362 23.09 -11.35 11.59
CA ARG A 362 24.37 -11.64 12.22
C ARG A 362 24.25 -11.55 13.73
N MET A 363 23.45 -10.59 14.21
CA MET A 363 23.25 -10.42 15.65
C MET A 363 22.45 -11.59 16.21
N GLU A 364 21.39 -11.98 15.51
CA GLU A 364 20.57 -13.09 15.98
C GLU A 364 21.35 -14.39 16.06
N ALA A 365 22.05 -14.74 14.98
CA ALA A 365 22.83 -15.98 14.96
C ALA A 365 24.01 -15.88 15.93
N GLY A 366 24.57 -14.68 16.06
CA GLY A 366 25.71 -14.45 16.95
C GLY A 366 25.35 -14.60 18.43
N VAL A 367 24.07 -14.43 18.73
CA VAL A 367 23.60 -14.56 20.12
C VAL A 367 23.07 -15.97 20.34
N ALA A 368 22.25 -16.44 19.42
CA ALA A 368 21.67 -17.77 19.51
C ALA A 368 22.64 -18.95 19.54
N LEU A 369 23.63 -18.96 18.64
CA LEU A 369 24.59 -20.06 18.59
C LEU A 369 25.41 -20.24 19.86
N PRO A 370 26.07 -19.19 20.37
CA PRO A 370 26.86 -19.32 21.59
C PRO A 370 26.00 -19.76 22.78
N ALA A 371 24.82 -19.19 22.90
CA ALA A 371 23.90 -19.54 23.99
C ALA A 371 23.49 -21.00 23.92
N LEU A 372 23.20 -21.46 22.71
CA LEU A 372 22.78 -22.85 22.49
C LEU A 372 23.87 -23.83 22.93
N TYR A 373 25.09 -23.61 22.43
CA TYR A 373 26.20 -24.49 22.78
C TYR A 373 26.70 -24.34 24.20
N ALA A 374 26.54 -23.16 24.79
CA ALA A 374 27.01 -22.98 26.17
C ALA A 374 26.15 -23.84 27.07
N ARG A 375 24.88 -23.96 26.72
CA ARG A 375 23.95 -24.76 27.51
C ARG A 375 23.99 -26.24 27.15
N PHE A 376 24.12 -26.53 25.85
CA PHE A 376 24.16 -27.90 25.34
C PHE A 376 25.43 -28.12 24.51
N PRO A 377 26.59 -28.09 25.16
CA PRO A 377 27.93 -28.25 24.58
C PRO A 377 28.11 -29.52 23.75
N HIS A 378 27.39 -30.57 24.12
CA HIS A 378 27.49 -31.85 23.42
C HIS A 378 26.40 -32.08 22.39
N LEU A 379 25.62 -31.05 22.07
CA LEU A 379 24.57 -31.24 21.09
C LEU A 379 25.13 -31.73 19.76
N ASP A 380 24.43 -32.69 19.15
CA ASP A 380 24.87 -33.23 17.88
C ASP A 380 23.67 -33.74 17.09
N LEU A 381 23.86 -33.94 15.79
CA LEU A 381 22.80 -34.43 14.93
C LEU A 381 22.31 -35.79 15.40
N ALA A 382 21.02 -36.05 15.27
CA ALA A 382 20.43 -37.31 15.70
C ALA A 382 20.32 -38.29 14.53
N VAL A 383 20.77 -37.86 13.35
CA VAL A 383 20.73 -38.67 12.14
C VAL A 383 21.96 -38.36 11.30
N PRO A 384 22.28 -39.23 10.33
CA PRO A 384 23.46 -38.97 9.49
C PRO A 384 23.22 -37.67 8.72
N ALA A 385 24.27 -36.87 8.57
CA ALA A 385 24.15 -35.60 7.85
C ALA A 385 23.55 -35.81 6.47
N ALA A 386 23.90 -36.93 5.84
CA ALA A 386 23.39 -37.26 4.51
C ALA A 386 21.87 -37.43 4.51
N GLU A 387 21.30 -37.73 5.68
CA GLU A 387 19.87 -37.92 5.77
C GLU A 387 19.10 -36.62 5.92
N LEU A 388 19.81 -35.50 6.02
CA LEU A 388 19.12 -34.22 6.16
C LEU A 388 18.60 -33.88 4.77
N ARG A 389 17.43 -33.26 4.69
CA ARG A 389 16.87 -32.91 3.39
C ARG A 389 16.33 -31.48 3.31
N ASN A 390 16.34 -30.93 2.10
CA ASN A 390 15.87 -29.58 1.83
C ASN A 390 14.38 -29.49 1.60
N LYS A 391 13.82 -28.32 1.91
CA LYS A 391 12.39 -28.10 1.72
C LYS A 391 12.28 -27.77 0.23
N PRO A 392 11.16 -28.13 -0.41
CA PRO A 392 10.94 -27.88 -1.84
C PRO A 392 10.77 -26.42 -2.26
N VAL A 393 11.83 -25.64 -2.12
CA VAL A 393 11.84 -24.22 -2.47
C VAL A 393 13.16 -23.99 -3.20
N VAL A 394 13.10 -23.99 -4.53
CA VAL A 394 14.28 -23.81 -5.38
C VAL A 394 15.25 -22.67 -5.07
N THR A 395 14.74 -21.52 -4.62
CA THR A 395 15.61 -20.39 -4.32
C THR A 395 16.19 -20.38 -2.90
N GLN A 396 15.68 -21.25 -2.04
CA GLN A 396 16.16 -21.30 -0.66
C GLN A 396 16.84 -22.61 -0.25
N ASN A 397 17.71 -22.51 0.74
CA ASN A 397 18.44 -23.65 1.26
C ASN A 397 17.98 -23.86 2.70
N ASP A 398 16.75 -24.35 2.82
CA ASP A 398 16.13 -24.62 4.13
C ASP A 398 15.93 -26.11 4.33
N LEU A 399 16.21 -26.60 5.53
CA LEU A 399 16.05 -28.02 5.82
C LEU A 399 14.66 -28.34 6.33
N PHE A 400 14.22 -29.58 6.05
CA PHE A 400 12.91 -30.06 6.46
C PHE A 400 12.85 -29.98 7.99
N GLU A 401 13.90 -30.49 8.63
CA GLU A 401 14.00 -30.48 10.08
C GLU A 401 15.46 -30.67 10.51
N LEU A 402 15.72 -30.41 11.78
CA LEU A 402 17.07 -30.55 12.31
C LEU A 402 17.05 -31.46 13.54
N PRO A 403 17.02 -32.78 13.33
CA PRO A 403 16.98 -33.76 14.42
C PRO A 403 18.31 -33.74 15.17
N VAL A 404 18.24 -33.52 16.48
CA VAL A 404 19.45 -33.49 17.30
C VAL A 404 19.18 -34.05 18.68
N ARG A 405 20.26 -34.39 19.37
CA ARG A 405 20.20 -34.91 20.72
C ARG A 405 20.98 -33.81 21.43
N LEU A 406 20.31 -33.09 22.33
CA LEU A 406 20.93 -32.01 23.08
C LEU A 406 22.06 -32.46 24.01
N ALA A 407 21.95 -33.67 24.52
CA ALA A 407 22.95 -34.23 25.42
C ALA A 407 22.92 -35.74 25.33
N HIS A 408 23.98 -36.39 25.81
CA HIS A 408 24.04 -37.85 25.78
C HIS A 408 23.06 -38.42 26.80
N HIS A 409 22.06 -39.14 26.29
CA HIS A 409 21.06 -39.76 27.15
C HIS A 409 21.45 -41.20 27.45
N HIS A 410 20.65 -41.90 28.12
N ALA B 8 -4.92 40.46 -12.43
CA ALA B 8 -4.25 40.07 -11.16
C ALA B 8 -4.69 38.67 -10.76
N ARG B 9 -4.03 38.12 -9.74
CA ARG B 9 -4.36 36.78 -9.25
C ARG B 9 -5.50 36.83 -8.24
N ILE B 10 -6.46 35.93 -8.37
CA ILE B 10 -7.60 35.88 -7.47
C ILE B 10 -7.35 34.94 -6.29
N PRO B 11 -7.29 35.50 -5.08
CA PRO B 11 -7.05 34.69 -3.88
C PRO B 11 -8.35 34.03 -3.44
N LEU B 12 -8.33 32.73 -3.21
CA LEU B 12 -9.53 32.04 -2.78
C LEU B 12 -9.62 32.18 -1.27
N ASP B 13 -10.76 32.66 -0.79
CA ASP B 13 -10.99 32.85 0.64
C ASP B 13 -11.01 31.54 1.41
N PRO B 14 -10.05 31.34 2.32
CA PRO B 14 -9.98 30.11 3.10
C PRO B 14 -11.16 29.94 4.07
N PHE B 15 -11.86 31.03 4.35
CA PHE B 15 -13.00 30.96 5.25
C PHE B 15 -14.31 30.77 4.50
N VAL B 16 -14.25 30.84 3.18
CA VAL B 16 -15.45 30.66 2.35
C VAL B 16 -16.61 31.52 2.86
N THR B 17 -16.37 32.83 2.98
CA THR B 17 -17.39 33.75 3.45
C THR B 17 -18.35 34.19 2.35
N ASP B 18 -17.95 34.00 1.10
CA ASP B 18 -18.80 34.38 -0.02
C ASP B 18 -18.51 33.55 -1.26
N LEU B 19 -18.89 32.27 -1.20
CA LEU B 19 -18.67 31.34 -2.30
C LEU B 19 -19.24 31.81 -3.64
N ASP B 20 -20.51 32.20 -3.67
CA ASP B 20 -21.12 32.64 -4.92
C ASP B 20 -20.45 33.87 -5.53
N GLY B 21 -19.97 34.78 -4.68
CA GLY B 21 -19.31 35.98 -5.17
C GLY B 21 -17.96 35.62 -5.76
N GLU B 22 -17.27 34.68 -5.12
CA GLU B 22 -15.96 34.23 -5.58
C GLU B 22 -16.14 33.46 -6.88
N SER B 23 -17.20 32.67 -6.95
CA SER B 23 -17.49 31.87 -8.14
C SER B 23 -17.70 32.79 -9.34
N ALA B 24 -18.46 33.87 -9.13
CA ALA B 24 -18.73 34.82 -10.19
C ALA B 24 -17.42 35.46 -10.67
N ARG B 25 -16.57 35.79 -9.71
CA ARG B 25 -15.27 36.41 -9.99
C ARG B 25 -14.45 35.48 -10.87
N LEU B 26 -14.45 34.19 -10.52
CA LEU B 26 -13.69 33.19 -11.27
C LEU B 26 -14.20 33.04 -12.69
N ARG B 27 -15.52 33.04 -12.87
CA ARG B 27 -16.09 32.91 -14.21
C ARG B 27 -15.70 34.11 -15.08
N ALA B 28 -15.75 35.30 -14.50
CA ALA B 28 -15.41 36.52 -15.21
C ALA B 28 -13.97 36.47 -15.72
N ALA B 29 -13.09 35.89 -14.91
CA ALA B 29 -11.68 35.78 -15.26
C ALA B 29 -11.36 34.51 -16.05
N GLY B 30 -12.39 33.71 -16.34
CA GLY B 30 -12.20 32.47 -17.08
C GLY B 30 -11.97 32.62 -18.58
N PRO B 31 -11.84 31.50 -19.31
CA PRO B 31 -11.89 30.12 -18.81
C PRO B 31 -10.70 29.69 -17.96
N LEU B 32 -9.54 30.30 -18.19
CA LEU B 32 -8.33 29.95 -17.45
C LEU B 32 -7.93 31.13 -16.56
N ALA B 33 -8.33 31.07 -15.29
CA ALA B 33 -8.02 32.14 -14.35
C ALA B 33 -6.84 31.84 -13.45
N ALA B 34 -6.08 32.88 -13.14
CA ALA B 34 -4.90 32.74 -12.28
C ALA B 34 -5.43 32.98 -10.87
N VAL B 35 -5.21 32.02 -9.98
CA VAL B 35 -5.68 32.18 -8.62
C VAL B 35 -4.58 31.86 -7.62
N GLU B 36 -4.85 32.15 -6.35
CA GLU B 36 -3.91 31.89 -5.29
C GLU B 36 -4.59 31.06 -4.23
N LEU B 37 -4.05 29.88 -3.96
CA LEU B 37 -4.64 29.00 -2.95
C LEU B 37 -4.18 29.52 -1.59
N PRO B 38 -4.93 29.20 -0.53
CA PRO B 38 -4.54 29.65 0.80
C PRO B 38 -3.08 29.28 1.05
N GLY B 39 -2.31 30.23 1.59
CA GLY B 39 -0.91 29.96 1.85
C GLY B 39 -0.05 30.61 0.78
N GLY B 40 -0.68 31.38 -0.09
CA GLY B 40 0.04 32.06 -1.16
C GLY B 40 0.54 31.20 -2.31
N VAL B 41 -0.06 30.04 -2.52
CA VAL B 41 0.36 29.15 -3.60
C VAL B 41 -0.38 29.44 -4.91
N PRO B 42 0.36 29.84 -5.95
CA PRO B 42 -0.23 30.14 -7.25
C PRO B 42 -0.55 28.91 -8.09
N VAL B 43 -1.73 28.93 -8.71
CA VAL B 43 -2.17 27.82 -9.55
C VAL B 43 -3.14 28.41 -10.55
N TRP B 44 -3.48 27.62 -11.57
CA TRP B 44 -4.41 28.08 -12.59
C TRP B 44 -5.71 27.36 -12.24
N ALA B 45 -6.83 27.94 -12.67
CA ALA B 45 -8.13 27.34 -12.40
C ALA B 45 -8.97 27.45 -13.67
N VAL B 46 -9.56 26.34 -14.10
CA VAL B 46 -10.39 26.38 -15.29
C VAL B 46 -11.78 26.64 -14.69
N THR B 47 -12.40 27.74 -15.10
CA THR B 47 -13.72 28.12 -14.59
C THR B 47 -14.93 28.11 -15.52
N HIS B 48 -14.76 27.59 -16.75
CA HIS B 48 -15.85 27.51 -17.71
C HIS B 48 -16.07 26.04 -18.06
N HIS B 49 -17.32 25.69 -18.27
CA HIS B 49 -17.74 24.33 -18.62
C HIS B 49 -17.00 23.64 -19.77
N ALA B 50 -17.09 24.23 -20.95
CA ALA B 50 -16.43 23.66 -22.13
C ALA B 50 -14.94 23.39 -21.95
N GLU B 51 -14.21 24.40 -21.52
CA GLU B 51 -12.77 24.26 -21.31
C GLU B 51 -12.42 23.21 -20.27
N ALA B 52 -13.21 23.13 -19.21
CA ALA B 52 -12.96 22.16 -18.16
C ALA B 52 -13.05 20.74 -18.73
N LYS B 53 -14.09 20.48 -19.52
CA LYS B 53 -14.26 19.16 -20.12
C LYS B 53 -13.09 18.79 -21.00
N ALA B 54 -12.59 19.75 -21.77
CA ALA B 54 -11.46 19.52 -22.66
C ALA B 54 -10.23 19.19 -21.84
N LEU B 55 -9.96 19.99 -20.82
CA LEU B 55 -8.79 19.78 -19.97
C LEU B 55 -8.85 18.46 -19.18
N LEU B 56 -10.05 18.05 -18.80
CA LEU B 56 -10.20 16.80 -18.05
C LEU B 56 -9.87 15.56 -18.87
N THR B 57 -9.88 15.72 -20.20
CA THR B 57 -9.57 14.58 -21.08
C THR B 57 -8.21 14.77 -21.76
N ASP B 58 -7.46 15.81 -21.35
CA ASP B 58 -6.14 16.09 -21.93
C ASP B 58 -5.04 15.31 -21.23
N PRO B 59 -4.36 14.40 -21.96
CA PRO B 59 -3.26 13.57 -21.43
C PRO B 59 -2.09 14.37 -20.88
N ARG B 60 -1.99 15.64 -21.26
CA ARG B 60 -0.91 16.50 -20.81
C ARG B 60 -1.08 16.99 -19.36
N LEU B 61 -2.29 16.88 -18.83
CA LEU B 61 -2.55 17.30 -17.45
C LEU B 61 -2.56 16.04 -16.62
N VAL B 62 -1.52 15.88 -15.82
CA VAL B 62 -1.40 14.70 -14.96
C VAL B 62 -1.45 14.96 -13.46
N LYS B 63 -1.63 13.89 -12.70
CA LYS B 63 -1.70 13.98 -11.24
C LYS B 63 -0.31 13.90 -10.60
N ASP B 64 0.64 13.31 -11.31
CA ASP B 64 2.01 13.17 -10.82
C ASP B 64 2.57 14.47 -10.27
N ILE B 65 2.68 14.56 -8.95
CA ILE B 65 3.20 15.77 -8.31
C ILE B 65 4.66 16.07 -8.66
N ASN B 66 5.36 15.08 -9.19
CA ASN B 66 6.76 15.28 -9.57
C ASN B 66 6.83 16.23 -10.76
N VAL B 67 5.71 16.39 -11.44
CA VAL B 67 5.62 17.28 -12.61
C VAL B 67 5.44 18.74 -12.19
N TRP B 68 5.08 18.95 -10.93
CA TRP B 68 4.88 20.31 -10.41
C TRP B 68 6.21 21.00 -10.19
N GLY B 69 6.49 22.03 -11.01
CA GLY B 69 7.72 22.77 -10.89
C GLY B 69 7.99 23.31 -9.51
N ALA B 70 7.05 24.08 -8.97
CA ALA B 70 7.19 24.67 -7.65
C ALA B 70 7.51 23.60 -6.60
N TRP B 71 6.90 22.43 -6.74
CA TRP B 71 7.13 21.34 -5.81
C TRP B 71 8.59 20.91 -5.82
N ARG B 72 9.12 20.60 -6.99
CA ARG B 72 10.51 20.18 -7.12
C ARG B 72 11.48 21.21 -6.53
N ARG B 73 11.19 22.50 -6.73
CA ARG B 73 12.05 23.55 -6.21
C ARG B 73 11.79 23.85 -4.74
N GLY B 74 11.24 22.87 -4.02
CA GLY B 74 10.95 23.04 -2.61
C GLY B 74 10.30 24.37 -2.25
N GLU B 75 9.46 24.88 -3.15
CA GLU B 75 8.78 26.14 -2.90
C GLU B 75 7.46 25.94 -2.16
N ILE B 76 7.08 24.67 -1.96
CA ILE B 76 5.84 24.36 -1.26
C ILE B 76 6.12 23.93 0.18
N PRO B 77 5.67 24.74 1.15
CA PRO B 77 5.87 24.45 2.58
C PRO B 77 5.41 23.05 2.96
N ALA B 78 6.20 22.37 3.79
CA ALA B 78 5.86 21.02 4.22
C ALA B 78 4.63 21.07 5.12
N ASP B 79 4.32 22.26 5.63
CA ASP B 79 3.16 22.45 6.49
C ASP B 79 2.02 23.17 5.79
N TRP B 80 2.06 23.20 4.45
CA TRP B 80 1.01 23.85 3.68
C TRP B 80 -0.28 23.12 4.02
N PRO B 81 -1.31 23.85 4.50
CA PRO B 81 -2.59 23.25 4.86
C PRO B 81 -3.22 22.29 3.85
N LEU B 82 -2.98 22.50 2.56
CA LEU B 82 -3.56 21.63 1.53
C LEU B 82 -2.60 20.59 0.94
N ILE B 83 -1.43 20.42 1.53
CA ILE B 83 -0.48 19.45 1.02
C ILE B 83 -1.06 18.04 0.94
N GLY B 84 -1.95 17.70 1.86
CA GLY B 84 -2.57 16.38 1.87
C GLY B 84 -3.40 16.12 0.63
N LEU B 85 -3.95 17.18 0.05
CA LEU B 85 -4.77 17.03 -1.15
C LEU B 85 -3.90 16.96 -2.40
N ALA B 86 -2.77 17.65 -2.36
CA ALA B 86 -1.86 17.67 -3.49
C ALA B 86 -0.95 16.45 -3.56
N ASN B 87 -0.53 15.97 -2.40
CA ASN B 87 0.36 14.81 -2.36
C ASN B 87 -0.19 13.62 -1.57
N PRO B 88 -1.31 13.03 -2.03
CA PRO B 88 -1.96 11.88 -1.39
C PRO B 88 -1.18 10.61 -1.68
N GLY B 89 -1.52 9.52 -0.99
CA GLY B 89 -0.82 8.27 -1.22
C GLY B 89 -1.22 7.72 -2.58
N ARG B 90 -0.60 6.62 -3.00
CA ARG B 90 -0.92 6.03 -4.28
C ARG B 90 -2.34 5.45 -4.28
N SER B 91 -3.11 5.77 -5.32
CA SER B 91 -4.48 5.29 -5.48
C SER B 91 -4.92 5.73 -6.88
N MET B 92 -6.12 5.35 -7.29
CA MET B 92 -6.59 5.74 -8.63
C MET B 92 -6.60 7.26 -8.75
N LEU B 93 -6.59 7.95 -7.62
CA LEU B 93 -6.60 9.40 -7.62
C LEU B 93 -5.29 10.04 -8.10
N THR B 94 -4.18 9.37 -7.83
CA THR B 94 -2.88 9.90 -8.23
C THR B 94 -2.16 9.30 -9.43
N VAL B 95 -2.84 8.52 -10.24
CA VAL B 95 -2.20 7.94 -11.41
C VAL B 95 -2.97 8.28 -12.69
N ASP B 96 -2.32 8.08 -13.83
CA ASP B 96 -2.93 8.36 -15.12
C ASP B 96 -2.48 7.30 -16.13
N GLY B 97 -2.94 7.43 -17.37
CA GLY B 97 -2.58 6.49 -18.42
C GLY B 97 -2.99 5.05 -18.18
N ALA B 98 -2.18 4.14 -18.70
CA ALA B 98 -2.42 2.71 -18.59
C ALA B 98 -2.63 2.20 -17.16
N GLU B 99 -1.83 2.64 -16.19
CA GLU B 99 -2.02 2.15 -14.84
C GLU B 99 -3.33 2.64 -14.23
N HIS B 100 -3.82 3.79 -14.70
CA HIS B 100 -5.08 4.32 -14.18
C HIS B 100 -6.22 3.52 -14.78
N ARG B 101 -6.15 3.27 -16.08
CA ARG B 101 -7.20 2.52 -16.78
C ARG B 101 -7.38 1.14 -16.15
N ARG B 102 -6.27 0.52 -15.75
CA ARG B 102 -6.31 -0.80 -15.13
C ARG B 102 -7.13 -0.75 -13.84
N LEU B 103 -6.82 0.21 -12.99
CA LEU B 103 -7.54 0.36 -11.73
C LEU B 103 -9.02 0.63 -11.95
N ARG B 104 -9.34 1.57 -12.84
CA ARG B 104 -10.73 1.89 -13.10
C ARG B 104 -11.46 0.67 -13.66
N THR B 105 -10.82 -0.07 -14.56
CA THR B 105 -11.44 -1.26 -15.14
C THR B 105 -11.78 -2.26 -14.05
N LEU B 106 -10.85 -2.49 -13.13
CA LEU B 106 -11.08 -3.44 -12.04
C LEU B 106 -12.11 -2.91 -11.04
N VAL B 107 -12.02 -1.64 -10.69
CA VAL B 107 -12.97 -1.09 -9.73
C VAL B 107 -14.39 -1.09 -10.32
N ALA B 108 -14.48 -0.86 -11.63
CA ALA B 108 -15.77 -0.84 -12.31
C ALA B 108 -16.49 -2.19 -12.21
N GLN B 109 -15.73 -3.27 -12.08
CA GLN B 109 -16.35 -4.60 -11.98
C GLN B 109 -16.99 -4.76 -10.61
N ALA B 110 -16.47 -4.03 -9.63
CA ALA B 110 -17.00 -4.09 -8.27
C ALA B 110 -18.13 -3.10 -8.00
N LEU B 111 -17.85 -1.81 -8.17
CA LEU B 111 -18.87 -0.79 -7.93
C LEU B 111 -19.66 -0.56 -9.21
N THR B 112 -20.57 -1.50 -9.49
CA THR B 112 -21.41 -1.45 -10.68
C THR B 112 -22.74 -0.73 -10.42
N VAL B 113 -23.39 -0.30 -11.49
CA VAL B 113 -24.67 0.38 -11.35
C VAL B 113 -25.61 -0.63 -10.72
N ARG B 114 -25.43 -1.89 -11.10
CA ARG B 114 -26.24 -2.98 -10.58
C ARG B 114 -26.13 -3.09 -9.06
N ARG B 115 -24.91 -3.04 -8.53
CA ARG B 115 -24.71 -3.13 -7.10
C ARG B 115 -25.41 -1.98 -6.38
N VAL B 116 -25.33 -0.79 -6.96
CA VAL B 116 -25.97 0.37 -6.36
C VAL B 116 -27.49 0.20 -6.39
N GLU B 117 -28.01 -0.30 -7.51
CA GLU B 117 -29.45 -0.51 -7.63
C GLU B 117 -29.90 -1.48 -6.55
N HIS B 118 -29.13 -2.55 -6.35
CA HIS B 118 -29.45 -3.55 -5.35
C HIS B 118 -29.31 -3.06 -3.92
N MET B 119 -28.77 -1.85 -3.74
CA MET B 119 -28.59 -1.27 -2.40
C MET B 119 -29.81 -0.43 -2.03
N ARG B 120 -30.65 -0.10 -3.02
CA ARG B 120 -31.84 0.71 -2.77
C ARG B 120 -32.68 0.30 -1.57
N GLY B 121 -33.01 -0.98 -1.46
CA GLY B 121 -33.81 -1.44 -0.35
C GLY B 121 -33.18 -1.14 0.99
N ARG B 122 -31.88 -1.43 1.11
CA ARG B 122 -31.14 -1.20 2.34
C ARG B 122 -31.06 0.29 2.66
N ILE B 123 -30.87 1.11 1.63
CA ILE B 123 -30.79 2.54 1.85
C ILE B 123 -32.13 3.03 2.40
N THR B 124 -33.21 2.48 1.88
CA THR B 124 -34.54 2.86 2.34
C THR B 124 -34.73 2.55 3.82
N GLU B 125 -34.23 1.39 4.25
CA GLU B 125 -34.32 0.96 5.64
C GLU B 125 -33.51 1.85 6.57
N LEU B 126 -32.26 2.12 6.19
CA LEU B 126 -31.37 2.96 6.99
C LEU B 126 -31.97 4.36 7.12
N THR B 127 -32.55 4.84 6.04
CA THR B 127 -33.16 6.17 6.01
C THR B 127 -34.39 6.17 6.94
N ASP B 128 -35.19 5.12 6.82
CA ASP B 128 -36.40 4.97 7.63
C ASP B 128 -36.04 5.01 9.13
N ARG B 129 -35.03 4.23 9.51
CA ARG B 129 -34.59 4.17 10.90
C ARG B 129 -34.13 5.52 11.42
N LEU B 130 -33.38 6.26 10.60
CA LEU B 130 -32.89 7.57 11.00
C LEU B 130 -34.07 8.54 11.19
N LEU B 131 -35.04 8.48 10.29
CA LEU B 131 -36.20 9.36 10.40
C LEU B 131 -37.00 9.02 11.65
N ASP B 132 -37.03 7.73 12.01
CA ASP B 132 -37.78 7.29 13.19
C ASP B 132 -37.23 7.94 14.45
N GLU B 133 -35.93 8.24 14.45
CA GLU B 133 -35.28 8.86 15.59
C GLU B 133 -35.72 10.31 15.77
N LEU B 134 -36.18 10.92 14.68
CA LEU B 134 -36.62 12.31 14.72
C LEU B 134 -38.06 12.47 15.18
N PRO B 135 -38.31 13.48 16.03
CA PRO B 135 -39.66 13.75 16.56
C PRO B 135 -40.38 14.68 15.58
N ALA B 136 -41.70 14.62 15.56
CA ALA B 136 -42.48 15.48 14.67
C ALA B 136 -42.77 16.79 15.38
N ASP B 137 -41.91 17.13 16.34
CA ASP B 137 -42.04 18.36 17.12
C ASP B 137 -41.81 19.64 16.30
N GLY B 138 -42.21 20.76 16.88
CA GLY B 138 -42.05 22.04 16.22
C GLY B 138 -40.78 22.74 16.68
N GLY B 139 -39.93 21.99 17.38
CA GLY B 139 -38.68 22.54 17.87
C GLY B 139 -37.65 22.63 16.76
N VAL B 140 -36.45 23.09 17.09
CA VAL B 140 -35.39 23.21 16.10
C VAL B 140 -34.38 22.08 16.24
N VAL B 141 -34.10 21.40 15.14
CA VAL B 141 -33.15 20.29 15.12
C VAL B 141 -32.10 20.50 14.02
N ASP B 142 -30.85 20.14 14.31
CA ASP B 142 -29.77 20.28 13.34
C ASP B 142 -29.90 19.03 12.47
N LEU B 143 -30.60 19.17 11.35
CA LEU B 143 -30.82 18.07 10.43
C LEU B 143 -29.54 17.48 9.82
N LYS B 144 -28.46 18.24 9.79
CA LYS B 144 -27.25 17.67 9.22
C LYS B 144 -26.76 16.55 10.14
N ALA B 145 -26.52 16.91 11.41
CA ALA B 145 -26.05 15.92 12.38
C ALA B 145 -27.01 14.76 12.63
N ALA B 146 -28.31 15.04 12.65
CA ALA B 146 -29.30 13.99 12.89
C ALA B 146 -29.75 13.13 11.71
N PHE B 147 -29.54 13.60 10.49
CA PHE B 147 -29.97 12.83 9.33
C PHE B 147 -28.98 12.74 8.16
N ALA B 148 -28.65 13.89 7.57
CA ALA B 148 -27.72 13.93 6.45
C ALA B 148 -26.35 13.32 6.71
N TYR B 149 -25.77 13.61 7.86
CA TYR B 149 -24.45 13.08 8.20
C TYR B 149 -24.33 11.57 8.43
N PRO B 150 -25.16 10.98 9.30
CA PRO B 150 -25.08 9.55 9.55
C PRO B 150 -25.41 8.61 8.38
N LEU B 151 -26.37 8.99 7.55
CA LEU B 151 -26.77 8.16 6.41
C LEU B 151 -25.67 7.63 5.49
N PRO B 152 -24.86 8.52 4.88
CA PRO B 152 -23.80 8.05 3.98
C PRO B 152 -22.78 7.13 4.66
N MET B 153 -22.56 7.32 5.95
CA MET B 153 -21.61 6.47 6.68
C MET B 153 -22.22 5.08 6.83
N TYR B 154 -23.48 5.01 7.24
CA TYR B 154 -24.15 3.71 7.41
C TYR B 154 -24.22 2.99 6.06
N VAL B 155 -24.52 3.75 5.01
CA VAL B 155 -24.60 3.15 3.68
C VAL B 155 -23.27 2.61 3.17
N VAL B 156 -22.23 3.44 3.22
CA VAL B 156 -20.93 2.99 2.74
C VAL B 156 -20.39 1.81 3.56
N ALA B 157 -20.65 1.79 4.85
CA ALA B 157 -20.17 0.69 5.69
C ALA B 157 -20.87 -0.59 5.26
N ASP B 158 -22.18 -0.49 5.05
CA ASP B 158 -22.96 -1.65 4.63
C ASP B 158 -22.48 -2.11 3.25
N LEU B 159 -22.29 -1.15 2.36
CA LEU B 159 -21.83 -1.43 1.00
C LEU B 159 -20.50 -2.18 1.00
N MET B 160 -19.53 -1.67 1.75
CA MET B 160 -18.20 -2.25 1.86
C MET B 160 -18.08 -3.48 2.75
N GLY B 161 -19.16 -3.83 3.44
CA GLY B 161 -19.11 -4.99 4.32
C GLY B 161 -18.35 -4.77 5.62
N ILE B 162 -18.25 -3.52 6.06
CA ILE B 162 -17.53 -3.22 7.29
C ILE B 162 -18.43 -3.61 8.47
N GLU B 163 -17.86 -4.28 9.47
CA GLU B 163 -18.61 -4.71 10.64
C GLU B 163 -19.34 -3.56 11.31
N GLU B 164 -20.61 -3.76 11.62
CA GLU B 164 -21.43 -2.73 12.26
C GLU B 164 -20.84 -2.23 13.57
N ALA B 165 -20.10 -3.08 14.28
CA ALA B 165 -19.49 -2.71 15.55
C ALA B 165 -18.45 -1.61 15.39
N ARG B 166 -17.92 -1.47 14.19
CA ARG B 166 -16.90 -0.46 13.89
C ARG B 166 -17.47 0.94 13.62
N LEU B 167 -18.77 1.02 13.40
CA LEU B 167 -19.41 2.30 13.13
C LEU B 167 -19.11 3.43 14.10
N PRO B 168 -19.16 3.18 15.42
CA PRO B 168 -18.86 4.30 16.32
C PRO B 168 -17.45 4.86 16.10
N ARG B 169 -16.47 3.97 16.01
CA ARG B 169 -15.09 4.42 15.79
C ARG B 169 -14.94 5.05 14.41
N LEU B 170 -15.60 4.47 13.42
CA LEU B 170 -15.54 4.99 12.06
C LEU B 170 -16.04 6.44 12.05
N LYS B 171 -17.10 6.72 12.80
CA LYS B 171 -17.64 8.09 12.84
C LYS B 171 -16.63 9.02 13.52
N VAL B 172 -15.98 8.54 14.58
CA VAL B 172 -15.00 9.37 15.27
C VAL B 172 -13.87 9.71 14.29
N LEU B 173 -13.43 8.72 13.54
CA LEU B 173 -12.36 8.94 12.56
C LEU B 173 -12.77 9.93 11.48
N PHE B 174 -13.99 9.78 10.96
CA PHE B 174 -14.48 10.69 9.92
C PHE B 174 -14.44 12.12 10.44
N GLU B 175 -14.93 12.31 11.67
CA GLU B 175 -14.95 13.64 12.27
C GLU B 175 -13.56 14.27 12.33
N LYS B 176 -12.58 13.50 12.79
CA LYS B 176 -11.22 14.00 12.88
C LYS B 176 -10.64 14.28 11.50
N PHE B 177 -10.86 13.36 10.58
CA PHE B 177 -10.35 13.52 9.22
C PHE B 177 -10.85 14.76 8.51
N PHE B 178 -12.16 15.01 8.59
CA PHE B 178 -12.77 16.17 7.94
C PHE B 178 -12.79 17.47 8.76
N SER B 179 -12.50 17.38 10.06
CA SER B 179 -12.50 18.57 10.90
C SER B 179 -11.41 19.57 10.49
N THR B 180 -11.80 20.83 10.38
CA THR B 180 -10.84 21.88 10.00
C THR B 180 -9.91 22.22 11.17
N GLN B 181 -10.23 21.71 12.35
CA GLN B 181 -9.44 21.95 13.55
C GLN B 181 -8.35 20.91 13.80
N THR B 182 -8.48 19.75 13.17
CA THR B 182 -7.49 18.69 13.34
C THR B 182 -6.10 19.02 12.80
N PRO B 183 -5.06 18.90 13.65
CA PRO B 183 -3.68 19.19 13.23
C PRO B 183 -3.28 18.24 12.11
N PRO B 184 -2.39 18.67 11.20
CA PRO B 184 -1.93 17.83 10.09
C PRO B 184 -1.48 16.42 10.47
N GLU B 185 -0.65 16.31 11.51
CA GLU B 185 -0.15 15.02 11.95
C GLU B 185 -1.28 14.11 12.42
N GLU B 186 -2.30 14.71 13.04
CA GLU B 186 -3.43 13.94 13.52
C GLU B 186 -4.28 13.43 12.36
N VAL B 187 -4.34 14.21 11.29
CA VAL B 187 -5.11 13.82 10.11
C VAL B 187 -4.40 12.61 9.50
N VAL B 188 -3.07 12.68 9.41
CA VAL B 188 -2.29 11.59 8.85
C VAL B 188 -2.50 10.31 9.67
N ALA B 189 -2.43 10.44 10.99
CA ALA B 189 -2.62 9.29 11.86
C ALA B 189 -4.03 8.73 11.71
N THR B 190 -5.00 9.62 11.50
CA THR B 190 -6.40 9.20 11.34
C THR B 190 -6.52 8.37 10.08
N LEU B 191 -5.87 8.84 9.00
CA LEU B 191 -5.90 8.14 7.72
C LEU B 191 -5.35 6.72 7.87
N THR B 192 -4.33 6.57 8.72
CA THR B 192 -3.76 5.24 8.91
C THR B 192 -4.76 4.32 9.62
N GLU B 193 -5.47 4.84 10.61
CA GLU B 193 -6.43 3.98 11.30
C GLU B 193 -7.56 3.61 10.36
N LEU B 194 -7.90 4.50 9.43
CA LEU B 194 -8.97 4.20 8.48
C LEU B 194 -8.44 3.08 7.59
N ALA B 195 -7.15 3.14 7.25
CA ALA B 195 -6.54 2.11 6.42
C ALA B 195 -6.60 0.79 7.17
N SER B 196 -6.44 0.87 8.47
CA SER B 196 -6.48 -0.31 9.33
C SER B 196 -7.85 -0.98 9.28
N ILE B 197 -8.91 -0.17 9.29
CA ILE B 197 -10.26 -0.71 9.25
C ILE B 197 -10.51 -1.39 7.91
N MET B 198 -10.05 -0.75 6.83
CA MET B 198 -10.23 -1.29 5.49
C MET B 198 -9.41 -2.58 5.33
N THR B 199 -8.20 -2.59 5.86
CA THR B 199 -7.34 -3.77 5.75
C THR B 199 -7.97 -4.95 6.50
N ASP B 200 -8.55 -4.69 7.67
CA ASP B 200 -9.19 -5.75 8.45
C ASP B 200 -10.37 -6.30 7.65
N THR B 201 -11.08 -5.40 6.99
CA THR B 201 -12.23 -5.78 6.19
C THR B 201 -11.79 -6.67 5.03
N VAL B 202 -10.74 -6.27 4.34
CA VAL B 202 -10.23 -7.06 3.21
C VAL B 202 -9.83 -8.45 3.71
N ALA B 203 -9.16 -8.52 4.86
CA ALA B 203 -8.73 -9.79 5.42
C ALA B 203 -9.93 -10.69 5.71
N ALA B 204 -10.99 -10.11 6.28
CA ALA B 204 -12.20 -10.83 6.60
C ALA B 204 -12.91 -11.38 5.36
N LYS B 205 -12.98 -10.59 4.30
CA LYS B 205 -13.64 -11.03 3.09
C LYS B 205 -12.83 -12.07 2.31
N ARG B 206 -11.51 -12.04 2.45
CA ARG B 206 -10.68 -13.02 1.74
C ARG B 206 -10.89 -14.34 2.47
N ALA B 207 -11.11 -14.26 3.78
CA ALA B 207 -11.32 -15.44 4.60
C ALA B 207 -12.74 -15.97 4.44
N ALA B 208 -13.69 -15.05 4.27
CA ALA B 208 -15.09 -15.42 4.11
C ALA B 208 -15.79 -14.48 3.14
N PRO B 209 -15.72 -14.78 1.83
CA PRO B 209 -16.33 -13.99 0.75
C PRO B 209 -17.82 -13.74 0.93
N GLY B 210 -18.25 -12.52 0.65
CA GLY B 210 -19.66 -12.15 0.78
C GLY B 210 -20.17 -11.43 -0.45
N ASP B 211 -21.36 -10.86 -0.35
CA ASP B 211 -21.97 -10.13 -1.47
C ASP B 211 -21.80 -8.62 -1.30
N ASP B 212 -20.66 -8.21 -0.78
CA ASP B 212 -20.36 -6.80 -0.55
C ASP B 212 -19.33 -6.28 -1.58
N LEU B 213 -19.06 -4.98 -1.51
CA LEU B 213 -18.11 -4.33 -2.42
C LEU B 213 -16.65 -4.76 -2.21
N THR B 214 -16.27 -5.00 -0.96
CA THR B 214 -14.90 -5.41 -0.69
C THR B 214 -14.63 -6.79 -1.32
N SER B 215 -15.58 -7.70 -1.16
CA SER B 215 -15.44 -9.05 -1.73
C SER B 215 -15.38 -8.92 -3.25
N ALA B 216 -16.16 -8.00 -3.79
CA ALA B 216 -16.20 -7.77 -5.24
C ALA B 216 -14.87 -7.21 -5.72
N LEU B 217 -14.24 -6.36 -4.92
CA LEU B 217 -12.97 -5.77 -5.30
C LEU B 217 -11.89 -6.86 -5.29
N ILE B 218 -12.01 -7.78 -4.34
CA ILE B 218 -11.08 -8.89 -4.21
C ILE B 218 -11.19 -9.83 -5.42
N GLN B 219 -12.42 -10.11 -5.82
CA GLN B 219 -12.68 -11.00 -6.95
C GLN B 219 -12.50 -10.40 -8.35
N ALA B 220 -12.42 -9.08 -8.44
CA ALA B 220 -12.25 -8.42 -9.73
C ALA B 220 -11.01 -8.93 -10.47
N SER B 221 -11.13 -9.11 -11.77
CA SER B 221 -10.00 -9.59 -12.56
C SER B 221 -10.16 -9.27 -14.04
N GLU B 222 -9.03 -8.95 -14.66
CA GLU B 222 -9.01 -8.62 -16.08
C GLU B 222 -7.98 -9.54 -16.71
N ASN B 223 -8.44 -10.69 -17.18
CA ASN B 223 -7.57 -11.68 -17.79
C ASN B 223 -6.53 -12.19 -16.80
N GLY B 224 -6.98 -12.51 -15.59
CA GLY B 224 -6.06 -12.99 -14.57
C GLY B 224 -5.44 -11.93 -13.69
N ASP B 225 -5.50 -10.68 -14.12
CA ASP B 225 -4.93 -9.58 -13.34
C ASP B 225 -5.91 -9.19 -12.24
N HIS B 226 -5.42 -9.13 -11.00
CA HIS B 226 -6.26 -8.78 -9.86
C HIS B 226 -5.71 -7.54 -9.14
N LEU B 227 -6.55 -6.94 -8.30
CA LEU B 227 -6.13 -5.76 -7.55
C LEU B 227 -5.33 -6.34 -6.39
N THR B 228 -4.30 -5.63 -5.95
CA THR B 228 -3.49 -6.13 -4.84
C THR B 228 -4.19 -5.65 -3.57
N ASP B 229 -3.79 -6.20 -2.43
CA ASP B 229 -4.38 -5.80 -1.15
C ASP B 229 -4.18 -4.29 -0.98
N ALA B 230 -2.99 -3.81 -1.33
CA ALA B 230 -2.68 -2.39 -1.20
C ALA B 230 -3.64 -1.54 -2.04
N GLU B 231 -3.90 -1.99 -3.27
CA GLU B 231 -4.80 -1.26 -4.15
C GLU B 231 -6.25 -1.31 -3.65
N ILE B 232 -6.64 -2.44 -3.07
CA ILE B 232 -8.00 -2.56 -2.55
C ILE B 232 -8.14 -1.63 -1.35
N VAL B 233 -7.13 -1.63 -0.49
CA VAL B 233 -7.14 -0.79 0.69
C VAL B 233 -7.14 0.71 0.34
N SER B 234 -6.29 1.13 -0.61
CA SER B 234 -6.24 2.53 -0.98
C SER B 234 -7.57 2.94 -1.64
N THR B 235 -8.18 2.01 -2.36
CA THR B 235 -9.44 2.28 -3.04
C THR B 235 -10.56 2.52 -2.00
N LEU B 236 -10.68 1.63 -1.03
CA LEU B 236 -11.72 1.76 0.01
C LEU B 236 -11.51 3.04 0.81
N GLN B 237 -10.26 3.31 1.16
CA GLN B 237 -9.90 4.49 1.93
C GLN B 237 -10.26 5.76 1.14
N LEU B 238 -9.91 5.79 -0.15
CA LEU B 238 -10.20 6.93 -1.00
C LEU B 238 -11.70 7.15 -1.16
N MET B 239 -12.44 6.06 -1.32
CA MET B 239 -13.89 6.17 -1.49
C MET B 239 -14.60 6.81 -0.31
N VAL B 240 -14.26 6.42 0.92
CA VAL B 240 -14.93 7.04 2.07
C VAL B 240 -14.53 8.51 2.18
N ALA B 241 -13.26 8.80 1.91
CA ALA B 241 -12.77 10.17 1.99
C ALA B 241 -13.40 11.07 0.93
N ALA B 242 -13.53 10.56 -0.29
CA ALA B 242 -14.12 11.34 -1.37
C ALA B 242 -15.63 11.37 -1.39
N GLY B 243 -16.27 10.38 -0.78
CA GLY B 243 -17.72 10.36 -0.78
C GLY B 243 -18.55 10.63 0.45
N HIS B 244 -17.93 10.79 1.62
CA HIS B 244 -18.71 11.05 2.83
C HIS B 244 -19.30 12.46 2.87
N GLU B 245 -18.47 13.45 3.15
CA GLU B 245 -18.94 14.84 3.24
C GLU B 245 -19.60 15.33 1.95
N THR B 246 -19.14 14.86 0.80
CA THR B 246 -19.73 15.29 -0.46
C THR B 246 -21.19 14.86 -0.54
N THR B 247 -21.46 13.58 -0.25
CA THR B 247 -22.84 13.08 -0.30
C THR B 247 -23.70 13.81 0.73
N ILE B 248 -23.13 14.04 1.91
CA ILE B 248 -23.85 14.73 2.97
C ILE B 248 -24.22 16.14 2.53
N SER B 249 -23.26 16.87 1.98
CA SER B 249 -23.51 18.23 1.52
C SER B 249 -24.50 18.30 0.38
N LEU B 250 -24.57 17.25 -0.43
CA LEU B 250 -25.51 17.22 -1.55
C LEU B 250 -26.91 17.22 -0.94
N ILE B 251 -27.11 16.34 0.05
CA ILE B 251 -28.41 16.24 0.71
C ILE B 251 -28.74 17.56 1.39
N VAL B 252 -27.79 18.08 2.16
CA VAL B 252 -27.96 19.34 2.87
C VAL B 252 -28.32 20.47 1.89
N ASN B 253 -27.54 20.61 0.83
CA ASN B 253 -27.78 21.65 -0.16
C ASN B 253 -29.13 21.54 -0.86
N ALA B 254 -29.60 20.31 -1.07
CA ALA B 254 -30.89 20.11 -1.72
C ALA B 254 -32.00 20.65 -0.81
N VAL B 255 -31.87 20.38 0.48
CA VAL B 255 -32.87 20.85 1.45
C VAL B 255 -32.86 22.37 1.50
N VAL B 256 -31.67 22.96 1.46
CA VAL B 256 -31.57 24.41 1.49
C VAL B 256 -32.21 25.01 0.23
N ASN B 257 -31.91 24.42 -0.92
CA ASN B 257 -32.44 24.90 -2.19
C ASN B 257 -33.97 24.82 -2.25
N LEU B 258 -34.52 23.72 -1.76
CA LEU B 258 -35.97 23.57 -1.77
C LEU B 258 -36.61 24.55 -0.78
N SER B 259 -35.96 24.73 0.36
CA SER B 259 -36.47 25.64 1.38
C SER B 259 -36.40 27.10 0.93
N THR B 260 -35.42 27.45 0.11
CA THR B 260 -35.29 28.83 -0.36
C THR B 260 -36.05 29.11 -1.64
N HIS B 261 -36.66 28.06 -2.23
CA HIS B 261 -37.43 28.20 -3.45
C HIS B 261 -38.74 27.45 -3.28
N PRO B 262 -39.63 27.96 -2.41
CA PRO B 262 -40.95 27.38 -2.09
C PRO B 262 -41.75 26.93 -3.31
N GLU B 263 -41.81 27.77 -4.33
CA GLU B 263 -42.55 27.44 -5.54
C GLU B 263 -41.98 26.16 -6.17
N GLN B 264 -40.66 26.08 -6.22
CA GLN B 264 -39.98 24.91 -6.78
C GLN B 264 -40.32 23.71 -5.93
N ARG B 265 -40.22 23.87 -4.62
CA ARG B 265 -40.52 22.78 -3.70
C ARG B 265 -41.94 22.27 -3.95
N ALA B 266 -42.87 23.20 -4.12
CA ALA B 266 -44.28 22.83 -4.36
C ALA B 266 -44.38 21.94 -5.59
N LEU B 267 -43.58 22.24 -6.61
CA LEU B 267 -43.60 21.47 -7.85
C LEU B 267 -43.16 20.02 -7.59
N VAL B 268 -42.13 19.86 -6.76
CA VAL B 268 -41.63 18.51 -6.44
C VAL B 268 -42.63 17.73 -5.60
N LEU B 269 -43.15 18.36 -4.57
CA LEU B 269 -44.11 17.72 -3.69
C LEU B 269 -45.39 17.31 -4.40
N SER B 270 -45.79 18.09 -5.41
CA SER B 270 -47.01 17.82 -6.17
C SER B 270 -46.74 16.85 -7.31
N GLY B 271 -45.47 16.51 -7.54
CA GLY B 271 -45.14 15.60 -8.61
C GLY B 271 -44.94 16.27 -9.97
N GLU B 272 -45.08 17.59 -10.03
CA GLU B 272 -44.88 18.31 -11.29
C GLU B 272 -43.41 18.30 -11.67
N ALA B 273 -42.55 18.06 -10.69
CA ALA B 273 -41.10 18.01 -10.89
C ALA B 273 -40.59 16.73 -10.21
N GLU B 274 -39.53 16.16 -10.76
CA GLU B 274 -38.94 14.93 -10.21
C GLU B 274 -37.88 15.15 -9.15
N TRP B 275 -37.80 14.23 -8.19
CA TRP B 275 -36.82 14.34 -7.13
C TRP B 275 -35.42 14.28 -7.75
N SER B 276 -35.26 13.46 -8.79
CA SER B 276 -33.96 13.34 -9.44
C SER B 276 -33.56 14.71 -9.98
N ALA B 277 -34.55 15.52 -10.36
CA ALA B 277 -34.29 16.87 -10.88
C ALA B 277 -33.80 17.75 -9.75
N VAL B 278 -34.24 17.46 -8.54
CA VAL B 278 -33.82 18.25 -7.38
C VAL B 278 -32.34 17.96 -7.19
N VAL B 279 -31.99 16.69 -7.27
CA VAL B 279 -30.60 16.25 -7.11
C VAL B 279 -29.68 16.81 -8.20
N GLU B 280 -30.05 16.65 -9.47
CA GLU B 280 -29.23 17.15 -10.55
C GLU B 280 -29.06 18.67 -10.53
N GLU B 281 -30.14 19.40 -10.27
CA GLU B 281 -30.02 20.85 -10.25
C GLU B 281 -29.17 21.29 -9.04
N THR B 282 -29.27 20.56 -7.92
CA THR B 282 -28.49 20.91 -6.73
C THR B 282 -27.00 20.67 -7.03
N LEU B 283 -26.71 19.62 -7.81
CA LEU B 283 -25.33 19.31 -8.16
C LEU B 283 -24.74 20.37 -9.08
N ARG B 284 -25.56 20.91 -9.98
CA ARG B 284 -25.09 21.92 -10.90
C ARG B 284 -24.98 23.29 -10.23
N PHE B 285 -26.07 23.69 -9.60
CA PHE B 285 -26.18 24.98 -8.92
C PHE B 285 -25.36 25.11 -7.63
N SER B 286 -25.23 24.02 -6.89
CA SER B 286 -24.49 24.08 -5.63
C SER B 286 -23.75 22.80 -5.29
N THR B 287 -22.81 22.42 -6.15
CA THR B 287 -22.05 21.21 -5.91
C THR B 287 -21.30 21.29 -4.59
N PRO B 288 -21.20 20.15 -3.89
CA PRO B 288 -20.50 20.02 -2.61
C PRO B 288 -18.99 20.21 -2.81
N THR B 289 -18.54 19.99 -4.04
CA THR B 289 -17.14 20.11 -4.39
C THR B 289 -16.86 21.36 -5.22
N SER B 290 -16.46 22.43 -4.55
CA SER B 290 -16.17 23.68 -5.25
C SER B 290 -14.92 23.65 -6.13
N HIS B 291 -13.85 23.03 -5.61
CA HIS B 291 -12.60 22.94 -6.36
C HIS B 291 -11.94 21.60 -6.16
N VAL B 292 -11.24 21.11 -7.18
CA VAL B 292 -10.56 19.84 -7.08
C VAL B 292 -9.08 19.98 -7.40
N LEU B 293 -8.26 19.59 -6.43
CA LEU B 293 -6.82 19.62 -6.54
C LEU B 293 -6.48 18.19 -6.93
N ILE B 294 -5.51 17.96 -7.83
CA ILE B 294 -4.74 19.00 -8.48
C ILE B 294 -4.10 18.34 -9.70
N ARG B 295 -3.86 19.12 -10.74
CA ARG B 295 -3.25 18.58 -11.95
C ARG B 295 -2.04 19.41 -12.35
N PHE B 296 -1.12 18.79 -13.07
CA PHE B 296 0.09 19.48 -13.51
C PHE B 296 0.33 19.28 -14.99
N ALA B 297 0.81 20.32 -15.66
CA ALA B 297 1.08 20.25 -17.09
C ALA B 297 2.41 19.61 -17.41
N ALA B 298 2.39 18.44 -18.04
CA ALA B 298 3.61 17.74 -18.40
C ALA B 298 4.29 18.52 -19.54
N GLU B 299 3.47 19.24 -20.30
CA GLU B 299 3.93 20.05 -21.43
C GLU B 299 2.99 21.25 -21.50
N ASP B 300 3.31 22.25 -22.30
CA ASP B 300 2.45 23.42 -22.43
C ASP B 300 1.08 22.90 -22.89
N VAL B 301 0.01 23.40 -22.30
CA VAL B 301 -1.35 22.99 -22.67
C VAL B 301 -2.16 24.19 -23.11
N PRO B 302 -2.71 24.16 -24.32
CA PRO B 302 -3.51 25.27 -24.83
C PRO B 302 -4.93 25.33 -24.26
N VAL B 303 -5.39 26.53 -23.96
CA VAL B 303 -6.73 26.77 -23.43
C VAL B 303 -7.11 28.02 -24.20
N GLY B 304 -7.85 27.85 -25.30
CA GLY B 304 -8.21 29.01 -26.10
C GLY B 304 -6.89 29.45 -26.70
N ASP B 305 -6.58 30.75 -26.69
CA ASP B 305 -5.29 31.19 -27.24
C ASP B 305 -4.30 31.42 -26.10
N ARG B 306 -4.67 30.95 -24.92
CA ARG B 306 -3.84 31.08 -23.74
C ARG B 306 -3.16 29.72 -23.57
N VAL B 307 -2.24 29.62 -22.62
CA VAL B 307 -1.52 28.36 -22.38
C VAL B 307 -1.12 28.12 -20.93
N ILE B 308 -1.29 26.87 -20.48
CA ILE B 308 -0.91 26.53 -19.11
C ILE B 308 0.54 26.10 -19.29
N PRO B 309 1.50 26.90 -18.78
CA PRO B 309 2.92 26.55 -18.93
C PRO B 309 3.28 25.19 -18.33
N ALA B 310 4.15 24.46 -19.02
CA ALA B 310 4.57 23.15 -18.54
C ALA B 310 5.10 23.36 -17.13
N GLY B 311 4.77 22.45 -16.21
CA GLY B 311 5.23 22.60 -14.85
C GLY B 311 4.30 23.37 -13.93
N ASP B 312 3.30 24.05 -14.50
CA ASP B 312 2.35 24.81 -13.69
C ASP B 312 1.24 23.89 -13.17
N ALA B 313 0.49 24.35 -12.18
CA ALA B 313 -0.60 23.57 -11.59
C ALA B 313 -1.99 24.04 -12.01
N LEU B 314 -2.94 23.12 -11.99
CA LEU B 314 -4.31 23.43 -12.38
C LEU B 314 -5.39 22.78 -11.49
N ILE B 315 -6.33 23.59 -11.02
CA ILE B 315 -7.40 23.06 -10.18
C ILE B 315 -8.65 23.21 -11.05
N VAL B 316 -9.64 22.36 -10.83
CA VAL B 316 -10.88 22.43 -11.61
C VAL B 316 -11.93 23.05 -10.70
N SER B 317 -12.41 24.23 -11.07
CA SER B 317 -13.42 24.93 -10.28
C SER B 317 -14.85 24.54 -10.64
N TYR B 318 -15.25 23.36 -10.18
CA TYR B 318 -16.59 22.83 -10.44
C TYR B 318 -17.69 23.77 -9.93
N GLY B 319 -17.47 24.38 -8.78
CA GLY B 319 -18.47 25.28 -8.24
C GLY B 319 -18.79 26.44 -9.16
N ALA B 320 -17.76 27.20 -9.54
CA ALA B 320 -17.94 28.35 -10.43
C ALA B 320 -18.49 27.91 -11.78
N LEU B 321 -17.91 26.84 -12.28
CA LEU B 321 -18.24 26.21 -13.55
C LEU B 321 -19.71 25.76 -13.70
N GLY B 322 -20.32 25.35 -12.60
CA GLY B 322 -21.71 24.90 -12.65
C GLY B 322 -22.71 25.97 -13.06
N ARG B 323 -22.37 27.24 -12.84
CA ARG B 323 -23.29 28.32 -13.22
C ARG B 323 -22.82 29.10 -14.44
N ASP B 324 -22.13 28.40 -15.34
CA ASP B 324 -21.62 28.98 -16.58
C ASP B 324 -22.77 29.22 -17.55
N GLU B 325 -23.09 30.49 -17.81
CA GLU B 325 -24.18 30.82 -18.73
C GLU B 325 -23.96 30.26 -20.14
N ARG B 326 -22.70 30.07 -20.52
CA ARG B 326 -22.36 29.54 -21.84
C ARG B 326 -22.89 28.12 -21.97
N ALA B 327 -22.98 27.41 -20.86
CA ALA B 327 -23.47 26.05 -20.89
C ALA B 327 -24.94 25.86 -20.53
N HIS B 328 -25.46 26.71 -19.64
CA HIS B 328 -26.85 26.58 -19.23
C HIS B 328 -27.80 27.74 -19.57
N GLY B 329 -27.28 28.78 -20.19
CA GLY B 329 -28.14 29.90 -20.54
C GLY B 329 -28.20 30.99 -19.49
N PRO B 330 -28.94 32.08 -19.78
CA PRO B 330 -29.11 33.25 -18.90
C PRO B 330 -29.55 32.94 -17.47
N THR B 331 -30.31 31.86 -17.28
CA THR B 331 -30.79 31.49 -15.94
C THR B 331 -29.87 30.53 -15.19
N ALA B 332 -28.63 30.39 -15.64
CA ALA B 332 -27.68 29.49 -15.01
C ALA B 332 -27.31 29.95 -13.60
N ASP B 333 -27.46 31.24 -13.33
CA ASP B 333 -27.13 31.79 -12.02
C ASP B 333 -28.18 31.54 -10.95
N ARG B 334 -29.25 30.83 -11.29
CA ARG B 334 -30.28 30.56 -10.30
C ARG B 334 -30.73 29.10 -10.26
N PHE B 335 -31.34 28.72 -9.14
CA PHE B 335 -31.82 27.37 -8.94
C PHE B 335 -33.16 27.20 -9.65
N ASP B 336 -33.20 26.35 -10.67
CA ASP B 336 -34.42 26.10 -11.41
C ASP B 336 -34.59 24.63 -11.73
N LEU B 337 -35.44 23.99 -10.95
CA LEU B 337 -35.75 22.57 -11.08
C LEU B 337 -36.39 22.22 -12.42
N THR B 338 -36.93 23.22 -13.11
CA THR B 338 -37.57 22.99 -14.39
C THR B 338 -36.69 23.23 -15.61
N ARG B 339 -35.56 23.92 -15.42
CA ARG B 339 -34.66 24.21 -16.53
C ARG B 339 -34.39 23.03 -17.45
N THR B 340 -34.11 23.34 -18.71
CA THR B 340 -33.84 22.33 -19.72
C THR B 340 -32.60 22.79 -20.50
N SER B 341 -31.44 22.59 -19.90
CA SER B 341 -30.17 22.98 -20.50
C SER B 341 -29.74 22.03 -21.61
N GLY B 342 -28.88 22.52 -22.49
CA GLY B 342 -28.39 21.71 -23.58
C GLY B 342 -27.13 20.97 -23.15
N ASN B 343 -26.67 21.26 -21.94
CA ASN B 343 -25.47 20.62 -21.40
C ASN B 343 -25.70 20.04 -20.01
N ARG B 344 -25.28 18.79 -19.82
CA ARG B 344 -25.43 18.14 -18.52
C ARG B 344 -24.28 18.66 -17.66
N HIS B 345 -24.51 18.82 -16.36
CA HIS B 345 -23.45 19.31 -15.49
C HIS B 345 -22.34 18.26 -15.43
N ILE B 346 -21.16 18.69 -15.00
CA ILE B 346 -20.02 17.79 -14.88
C ILE B 346 -19.50 17.85 -13.43
N SER B 347 -20.43 17.99 -12.48
CA SER B 347 -20.06 18.07 -11.08
C SER B 347 -19.45 16.77 -10.55
N PHE B 348 -19.53 15.71 -11.35
CA PHE B 348 -18.95 14.41 -10.94
C PHE B 348 -17.67 14.21 -11.74
N GLY B 349 -17.22 15.27 -12.40
CA GLY B 349 -16.01 15.17 -13.18
C GLY B 349 -16.27 14.78 -14.62
N HIS B 350 -15.20 14.49 -15.36
CA HIS B 350 -15.30 14.10 -16.75
C HIS B 350 -13.99 13.46 -17.19
N GLY B 351 -14.05 12.54 -18.14
CA GLY B 351 -12.84 11.91 -18.60
C GLY B 351 -12.47 10.68 -17.78
N PRO B 352 -11.20 10.27 -17.81
CA PRO B 352 -10.72 9.10 -17.07
C PRO B 352 -10.97 9.11 -15.56
N HIS B 353 -10.76 10.26 -14.92
CA HIS B 353 -10.97 10.37 -13.48
C HIS B 353 -12.39 10.64 -13.01
N VAL B 354 -13.37 10.47 -13.87
CA VAL B 354 -14.77 10.71 -13.50
C VAL B 354 -15.13 9.93 -12.23
N CYS B 355 -15.92 10.54 -11.37
CA CYS B 355 -16.35 9.93 -10.11
C CYS B 355 -17.02 8.57 -10.25
N PRO B 356 -16.41 7.51 -9.70
CA PRO B 356 -17.00 6.17 -9.78
C PRO B 356 -18.17 6.04 -8.79
N GLY B 357 -18.35 7.07 -7.97
CA GLY B 357 -19.43 7.04 -6.99
C GLY B 357 -20.66 7.84 -7.39
N ALA B 358 -20.70 8.28 -8.64
CA ALA B 358 -21.83 9.08 -9.13
C ALA B 358 -23.19 8.41 -8.90
N ALA B 359 -23.32 7.16 -9.32
CA ALA B 359 -24.58 6.43 -9.16
C ALA B 359 -24.92 6.22 -7.69
N LEU B 360 -23.90 5.97 -6.86
CA LEU B 360 -24.13 5.76 -5.45
C LEU B 360 -24.67 7.01 -4.76
N SER B 361 -24.00 8.14 -4.94
CA SER B 361 -24.47 9.38 -4.31
C SER B 361 -25.85 9.74 -4.83
N ARG B 362 -26.08 9.54 -6.12
CA ARG B 362 -27.38 9.86 -6.71
C ARG B 362 -28.48 8.98 -6.08
N MET B 363 -28.14 7.71 -5.84
CA MET B 363 -29.11 6.78 -5.24
C MET B 363 -29.38 7.19 -3.80
N GLU B 364 -28.33 7.52 -3.05
CA GLU B 364 -28.51 7.91 -1.66
C GLU B 364 -29.37 9.16 -1.53
N ALA B 365 -29.04 10.21 -2.28
CA ALA B 365 -29.81 11.44 -2.22
C ALA B 365 -31.22 11.21 -2.78
N GLY B 366 -31.29 10.39 -3.83
CA GLY B 366 -32.55 10.08 -4.47
C GLY B 366 -33.55 9.38 -3.56
N VAL B 367 -33.04 8.67 -2.57
CA VAL B 367 -33.91 7.95 -1.64
C VAL B 367 -34.18 8.80 -0.39
N ALA B 368 -33.11 9.39 0.15
CA ALA B 368 -33.19 10.22 1.34
C ALA B 368 -34.08 11.44 1.27
N LEU B 369 -33.96 12.23 0.20
CA LEU B 369 -34.77 13.42 0.05
C LEU B 369 -36.28 13.17 0.02
N PRO B 370 -36.75 12.25 -0.84
CA PRO B 370 -38.20 12.01 -0.85
C PRO B 370 -38.67 11.47 0.51
N ALA B 371 -37.88 10.55 1.08
CA ALA B 371 -38.21 9.95 2.37
C ALA B 371 -38.36 11.00 3.45
N LEU B 372 -37.45 11.96 3.48
CA LEU B 372 -37.48 13.04 4.46
C LEU B 372 -38.78 13.85 4.37
N TYR B 373 -39.10 14.31 3.17
CA TYR B 373 -40.33 15.09 3.00
C TYR B 373 -41.58 14.23 3.09
N ALA B 374 -41.42 12.92 2.90
CA ALA B 374 -42.57 12.02 2.98
C ALA B 374 -42.95 11.98 4.47
N ARG B 375 -41.93 11.97 5.33
CA ARG B 375 -42.15 11.92 6.77
C ARG B 375 -42.51 13.30 7.35
N PHE B 376 -41.86 14.34 6.86
CA PHE B 376 -42.11 15.70 7.34
C PHE B 376 -42.38 16.64 6.16
N PRO B 377 -43.59 16.57 5.60
CA PRO B 377 -44.01 17.39 4.46
C PRO B 377 -43.80 18.90 4.61
N HIS B 378 -43.88 19.40 5.84
CA HIS B 378 -43.71 20.83 6.08
C HIS B 378 -42.37 21.28 6.62
N LEU B 379 -41.36 20.41 6.57
CA LEU B 379 -40.05 20.78 7.07
C LEU B 379 -39.55 22.04 6.37
N ASP B 380 -38.89 22.91 7.13
CA ASP B 380 -38.36 24.15 6.56
C ASP B 380 -37.19 24.62 7.40
N LEU B 381 -36.38 25.51 6.85
CA LEU B 381 -35.24 26.04 7.55
C LEU B 381 -35.73 26.74 8.82
N ALA B 382 -34.91 26.73 9.87
CA ALA B 382 -35.28 27.37 11.12
C ALA B 382 -34.64 28.75 11.21
N VAL B 383 -33.85 29.11 10.18
CA VAL B 383 -33.17 30.40 10.13
C VAL B 383 -33.09 30.88 8.69
N PRO B 384 -32.80 32.19 8.50
CA PRO B 384 -32.70 32.70 7.13
C PRO B 384 -31.52 32.00 6.46
N ALA B 385 -31.64 31.72 5.17
CA ALA B 385 -30.58 31.06 4.44
C ALA B 385 -29.26 31.79 4.65
N ALA B 386 -29.32 33.11 4.72
CA ALA B 386 -28.14 33.94 4.91
C ALA B 386 -27.39 33.65 6.21
N GLU B 387 -28.08 33.07 7.19
CA GLU B 387 -27.44 32.76 8.47
C GLU B 387 -26.73 31.40 8.49
N LEU B 388 -26.90 30.62 7.43
CA LEU B 388 -26.26 29.31 7.35
C LEU B 388 -24.76 29.60 7.22
N ARG B 389 -23.92 28.76 7.81
CA ARG B 389 -22.48 28.97 7.74
C ARG B 389 -21.63 27.92 7.03
N ASN B 390 -20.85 28.36 6.04
CA ASN B 390 -19.98 27.44 5.30
C ASN B 390 -18.77 27.17 6.18
N LYS B 391 -18.27 25.94 6.16
CA LYS B 391 -17.11 25.59 6.96
C LYS B 391 -15.88 26.10 6.20
N PRO B 392 -14.81 26.47 6.93
CA PRO B 392 -13.58 26.99 6.32
C PRO B 392 -12.72 25.98 5.57
N VAL B 393 -13.27 25.43 4.48
CA VAL B 393 -12.58 24.45 3.65
C VAL B 393 -12.75 24.99 2.23
N VAL B 394 -11.71 25.66 1.74
CA VAL B 394 -11.72 26.25 0.40
C VAL B 394 -12.18 25.37 -0.76
N THR B 395 -11.89 24.07 -0.72
CA THR B 395 -12.29 23.18 -1.81
C THR B 395 -13.69 22.58 -1.70
N GLN B 396 -14.33 22.72 -0.55
CA GLN B 396 -15.67 22.18 -0.37
C GLN B 396 -16.73 23.20 -0.03
N ASN B 397 -17.97 22.82 -0.30
CA ASN B 397 -19.13 23.68 -0.04
C ASN B 397 -19.93 22.94 1.03
N ASP B 398 -19.43 22.98 2.27
CA ASP B 398 -20.06 22.32 3.42
C ASP B 398 -20.55 23.33 4.46
N LEU B 399 -21.64 23.00 5.15
CA LEU B 399 -22.21 23.89 6.18
C LEU B 399 -21.95 23.30 7.57
N PHE B 400 -21.85 24.17 8.58
CA PHE B 400 -21.60 23.69 9.94
C PHE B 400 -22.82 22.94 10.46
N GLU B 401 -24.00 23.47 10.17
CA GLU B 401 -25.25 22.83 10.61
C GLU B 401 -26.42 23.23 9.71
N LEU B 402 -27.53 22.50 9.85
CA LEU B 402 -28.72 22.77 9.05
C LEU B 402 -29.92 22.83 10.00
N PRO B 403 -30.15 24.00 10.64
CA PRO B 403 -31.28 24.16 11.56
C PRO B 403 -32.62 24.16 10.84
N VAL B 404 -33.47 23.20 11.17
CA VAL B 404 -34.79 23.11 10.54
C VAL B 404 -35.87 22.81 11.57
N ARG B 405 -37.12 23.07 11.18
CA ARG B 405 -38.28 22.82 12.04
C ARG B 405 -38.99 21.75 11.20
N LEU B 406 -39.10 20.55 11.75
CA LEU B 406 -39.75 19.45 11.04
C LEU B 406 -41.22 19.65 10.74
N ALA B 407 -41.93 20.31 11.65
CA ALA B 407 -43.36 20.56 11.46
C ALA B 407 -43.77 21.93 11.96
N HIS B 408 -44.97 22.28 11.84
S SO4 C . 37.13 -31.04 10.63
O1 SO4 C . 36.77 -31.79 11.88
O2 SO4 C . 37.27 -29.58 10.88
O3 SO4 C . 36.07 -31.30 9.59
O4 SO4 C . 38.45 -31.59 10.13
S SO4 D . 27.60 -37.84 9.51
O1 SO4 D . 27.26 -38.04 8.06
O2 SO4 D . 26.54 -37.06 10.21
O3 SO4 D . 28.92 -37.11 9.61
O4 SO4 D . 27.73 -39.19 10.16
S SO4 E . 1.38 -3.58 -4.41
O1 SO4 E . 0.12 -2.88 -4.85
O2 SO4 E . 2.13 -2.73 -3.42
O3 SO4 E . 2.25 -3.85 -5.62
O4 SO4 E . 1.00 -4.88 -3.76
S SO4 F . 3.40 -3.85 24.11
O1 SO4 F . 1.98 -4.31 23.93
O2 SO4 F . 3.62 -2.50 23.50
O3 SO4 F . 4.33 -4.85 23.47
O4 SO4 F . 3.70 -3.78 25.59
CHA HEM G . 17.91 -8.61 0.23
CHB HEM G . 20.42 -12.36 1.87
CHC HEM G . 18.39 -11.78 6.21
CHD HEM G . 15.85 -8.07 4.54
C1A HEM G . 18.80 -9.65 0.28
C2A HEM G . 19.65 -10.10 -0.81
C3A HEM G . 20.34 -11.17 -0.36
C4A HEM G . 19.96 -11.39 1.03
CMA HEM G . 21.37 -12.03 -1.10
CAA HEM G . 19.67 -9.40 -2.20
CBA HEM G . 19.36 -10.25 -3.43
CGA HEM G . 19.81 -9.56 -4.72
O1A HEM G . 19.62 -8.29 -4.78
O2A HEM G . 20.33 -10.25 -5.60
C1B HEM G . 20.07 -12.56 3.18
C2B HEM G . 20.60 -13.62 4.04
C3B HEM G . 20.02 -13.47 5.27
C4B HEM G . 19.15 -12.31 5.18
CMB HEM G . 21.60 -14.69 3.57
CAB HEM G . 20.21 -14.30 6.56
CBB HEM G . 21.66 -14.48 7.02
C1C HEM G . 17.53 -10.70 6.13
C2C HEM G . 16.75 -10.19 7.27
C3C HEM G . 16.03 -9.15 6.81
C4C HEM G . 16.36 -9.01 5.40
CMC HEM G . 16.79 -10.80 8.71
CAC HEM G . 15.04 -8.25 7.57
CBC HEM G . 15.60 -6.89 8.00
C1D HEM G . 16.14 -7.89 3.21
C2D HEM G . 15.57 -6.88 2.34
C3D HEM G . 16.15 -7.03 1.13
C4D HEM G . 17.09 -8.13 1.25
CMD HEM G . 14.49 -5.86 2.77
CAD HEM G . 15.87 -6.19 -0.14
CBD HEM G . 17.04 -5.23 -0.47
CGD HEM G . 16.79 -4.42 -1.71
O1D HEM G . 17.07 -3.20 -1.71
O2D HEM G . 16.32 -5.06 -2.67
NA HEM G . 19.02 -10.43 1.38
NB HEM G . 19.18 -11.78 3.92
NC HEM G . 17.29 -9.95 5.02
ND HEM G . 17.08 -8.67 2.52
FE HEM G . 18.14 -10.20 3.21
S SO4 H . -15.17 21.46 12.54
O1 SO4 H . -16.64 21.23 12.51
O2 SO4 H . -14.84 22.88 12.88
O3 SO4 H . -14.58 21.11 11.19
O4 SO4 H . -14.59 20.54 13.59
S SO4 I . -39.09 30.29 -6.21
O1 SO4 I . -39.76 29.29 -5.33
O2 SO4 I . -38.11 31.13 -5.45
O3 SO4 I . -40.14 31.16 -6.85
O4 SO4 I . -38.36 29.55 -7.29
S SO4 J . -8.66 9.45 20.00
O1 SO4 J . -8.22 8.91 21.34
O2 SO4 J . -10.14 9.35 19.84
O3 SO4 J . -7.97 8.68 18.91
O4 SO4 J . -8.25 10.89 19.92
S SO4 K . -34.51 32.87 3.34
O1 SO4 K . -33.28 33.68 3.63
O2 SO4 K . -34.79 32.81 1.87
O3 SO4 K . -35.69 33.51 4.07
O4 SO4 K . -34.30 31.48 3.88
CHA HEM L . -13.69 11.56 -7.95
CHB HEM L . -17.45 14.44 -7.15
CHC HEM L . -19.37 11.11 -4.24
CHD HEM L . -15.60 8.25 -5.03
C1A HEM L . -14.55 12.62 -8.03
C2A HEM L . -14.35 13.80 -8.85
C3A HEM L . -15.39 14.63 -8.64
C4A HEM L . -16.27 13.97 -7.68
CMA HEM L . -15.67 16.01 -9.24
CAA HEM L . -13.12 13.96 -9.78
CBA HEM L . -12.26 15.19 -9.63
CGA HEM L . -11.43 15.42 -10.88
O1A HEM L . -11.33 16.63 -11.22
O2A HEM L . -10.93 14.45 -11.46
C1B HEM L . -18.28 13.82 -6.26
C2B HEM L . -19.51 14.40 -5.75
C3B HEM L . -20.06 13.45 -4.91
C4B HEM L . -19.17 12.30 -4.93
CMB HEM L . -20.01 15.81 -6.10
CAB HEM L . -21.36 13.48 -4.06
CBB HEM L . -22.56 14.21 -4.66
C1C HEM L . -18.52 10.03 -4.23
C2C HEM L . -18.78 8.79 -3.49
C3C HEM L . -17.74 7.98 -3.69
C4C HEM L . -16.82 8.69 -4.58
CMC HEM L . -20.06 8.53 -2.63
CAC HEM L . -17.49 6.55 -3.14
CBC HEM L . -17.48 5.43 -4.18
C1D HEM L . -14.73 8.90 -5.85
C2D HEM L . -13.43 8.40 -6.29
C3D HEM L . -12.89 9.33 -7.11
C4D HEM L . -13.85 10.42 -7.18
CMD HEM L . -12.85 7.03 -5.86
CAD HEM L . -11.54 9.26 -7.83
CBD HEM L . -11.66 8.96 -9.34
CGD HEM L . -10.30 8.93 -10.01
O1D HEM L . -9.47 9.82 -9.75
O2D HEM L . -10.13 8.00 -10.81
NA HEM L . -15.73 12.74 -7.36
NB HEM L . -18.09 12.54 -5.74
NC HEM L . -17.33 9.94 -4.90
ND HEM L . -14.96 10.16 -6.40
FE HEM L . -16.53 11.34 -6.12
#